data_2GN1
#
_entry.id   2GN1
#
_cell.length_a   46.317
_cell.length_b   55.300
_cell.length_c   67.235
_cell.angle_alpha   103.09
_cell.angle_beta   94.70
_cell.angle_gamma   112.94
#
_symmetry.space_group_name_H-M   'P 1'
#
loop_
_entity.id
_entity.type
_entity.pdbx_description
1 polymer 'Threonine dehydratase catabolic'
2 non-polymer 'SODIUM ION'
3 water water
#
_entity_poly.entity_id   1
_entity_poly.type   'polypeptide(L)'
_entity_poly.pdbx_seq_one_letter_code
;MRGSHHHHHHGMASHITYDLPVAIEDILEAKKRLAGKIYKTGMPRSNYFSERCKGEIFLKFENMQRTGSF(LLP)IRGAF
NKLSSLTEAEKRKGVVACSAGNHAQGVSLSCAMLGIDGKVVMPKGAPKSKVAATCDYSAEVVLHGDNFNDTIAKVSEIVE
TEGRIFIPPYDDPKVIAGQGTIGLEIMEDLYDVDNVIVPIGGGGLIAGIAIAIKSINPTIKVIGVQAENVHGMAASYYTG
EITTHRTTGTLADGCDVSRPGNLTYEIVRELVDDIVLVSEDEIRNSMIALIQRNKVITEGAGALACAALLSGKLDSHIQN
RKTVSIISGGNIDLSRVSQITGLVDA
;
_entity_poly.pdbx_strand_id   A,B
#
loop_
_chem_comp.id
_chem_comp.type
_chem_comp.name
_chem_comp.formula
NA non-polymer 'SODIUM ION' 'Na 1'
#
# COMPACT_ATOMS: atom_id res chain seq x y z
N MET A 12 32.14 7.41 8.80
CA MET A 12 31.70 6.03 8.47
C MET A 12 31.73 5.73 6.95
N ALA A 13 31.64 6.76 6.12
CA ALA A 13 31.67 6.59 4.67
C ALA A 13 33.01 6.05 4.18
N SER A 14 34.10 6.69 4.60
CA SER A 14 35.45 6.30 4.18
C SER A 14 35.88 4.94 4.72
N HIS A 15 35.50 4.63 5.96
CA HIS A 15 35.80 3.33 6.58
C HIS A 15 35.13 2.17 5.81
N ILE A 16 33.91 2.40 5.34
CA ILE A 16 33.20 1.40 4.55
C ILE A 16 33.87 1.23 3.18
N THR A 17 34.12 2.36 2.51
CA THR A 17 34.85 2.37 1.24
C THR A 17 36.12 1.54 1.33
N TYR A 18 37.02 1.95 2.22
CA TYR A 18 38.34 1.35 2.34
C TYR A 18 38.36 -0.10 2.81
N ASP A 19 37.35 -0.51 3.59
CA ASP A 19 37.44 -1.78 4.32
C ASP A 19 36.38 -2.84 3.98
N LEU A 20 35.25 -2.45 3.38
CA LEU A 20 34.19 -3.41 3.00
C LEU A 20 34.12 -3.56 1.47
N PRO A 21 33.62 -4.71 0.98
CA PRO A 21 33.68 -5.01 -0.46
C PRO A 21 32.69 -4.20 -1.32
N VAL A 22 31.69 -3.59 -0.69
CA VAL A 22 30.78 -2.67 -1.36
C VAL A 22 30.72 -1.36 -0.57
N ALA A 23 30.54 -0.23 -1.26
CA ALA A 23 30.57 1.09 -0.63
C ALA A 23 29.50 2.04 -1.16
N ILE A 24 29.41 3.22 -0.55
CA ILE A 24 28.45 4.25 -0.96
C ILE A 24 28.58 4.59 -2.45
N GLU A 25 29.79 4.48 -3.00
CA GLU A 25 30.04 4.78 -4.42
C GLU A 25 29.30 3.81 -5.35
N ASP A 26 29.28 2.54 -4.97
CA ASP A 26 28.54 1.50 -5.68
C ASP A 26 27.03 1.77 -5.67
N ILE A 27 26.54 2.27 -4.54
CA ILE A 27 25.11 2.59 -4.40
C ILE A 27 24.77 3.78 -5.29
N LEU A 28 25.69 4.74 -5.36
CA LEU A 28 25.55 5.91 -6.24
C LEU A 28 25.58 5.52 -7.71
N GLU A 29 26.47 4.60 -8.09
CA GLU A 29 26.49 4.06 -9.45
C GLU A 29 25.16 3.40 -9.77
N ALA A 30 24.61 2.67 -8.80
CA ALA A 30 23.36 1.92 -9.00
C ALA A 30 22.17 2.86 -9.17
N LYS A 31 22.07 3.89 -8.32
CA LYS A 31 21.03 4.90 -8.47
C LYS A 31 21.03 5.47 -9.88
N LYS A 32 22.22 5.73 -10.42
CA LYS A 32 22.36 6.23 -11.79
C LYS A 32 21.88 5.22 -12.84
N ARG A 33 22.27 3.95 -12.69
CA ARG A 33 21.83 2.90 -13.62
C ARG A 33 20.32 2.65 -13.57
N LEU A 34 19.71 2.83 -12.39
CA LEU A 34 18.27 2.59 -12.21
C LEU A 34 17.41 3.81 -12.55
N ALA A 35 18.04 4.95 -12.78
CA ALA A 35 17.35 6.23 -12.99
C ALA A 35 16.31 6.19 -14.12
N GLY A 36 15.04 6.36 -13.76
CA GLY A 36 13.95 6.44 -14.73
C GLY A 36 13.51 5.09 -15.27
N LYS A 37 13.99 4.02 -14.65
CA LYS A 37 13.68 2.64 -15.04
C LYS A 37 12.99 1.94 -13.88
N ILE A 38 13.59 2.03 -12.70
CA ILE A 38 12.98 1.60 -11.45
C ILE A 38 12.65 2.85 -10.62
N TYR A 39 11.45 2.88 -10.06
CA TYR A 39 10.98 4.08 -9.33
C TYR A 39 10.87 3.87 -7.84
N LYS A 40 10.94 4.98 -7.11
CA LYS A 40 10.78 5.00 -5.67
C LYS A 40 9.39 4.53 -5.26
N THR A 41 9.37 3.45 -4.47
CA THR A 41 8.15 2.94 -3.88
C THR A 41 7.72 3.85 -2.72
N GLY A 42 6.44 3.77 -2.36
CA GLY A 42 5.90 4.58 -1.26
C GLY A 42 6.47 4.20 0.09
N MET A 43 6.41 5.13 1.04
CA MET A 43 6.84 4.88 2.42
C MET A 43 5.97 5.61 3.46
N PRO A 44 4.66 5.29 3.49
CA PRO A 44 3.75 5.99 4.38
C PRO A 44 3.82 5.54 5.83
N ARG A 45 3.41 6.42 6.74
CA ARG A 45 3.20 6.07 8.15
C ARG A 45 2.03 5.10 8.24
N SER A 46 2.15 4.10 9.10
CA SER A 46 1.10 3.12 9.29
C SER A 46 0.31 3.40 10.57
N ASN A 47 -1.01 3.48 10.47
CA ASN A 47 -1.88 3.72 11.63
C ASN A 47 -1.83 2.58 12.62
N TYR A 48 -2.06 1.38 12.12
CA TYR A 48 -2.08 0.20 12.97
C TYR A 48 -0.75 0.00 13.71
N PHE A 49 0.35 0.01 12.97
CA PHE A 49 1.66 -0.29 13.59
C PHE A 49 2.16 0.81 14.55
N SER A 50 1.89 2.07 14.22
CA SER A 50 2.22 3.17 15.12
C SER A 50 1.43 3.10 16.43
N GLU A 51 0.14 2.83 16.34
CA GLU A 51 -0.71 2.59 17.51
C GLU A 51 -0.16 1.47 18.39
N ARG A 52 0.14 0.34 17.76
CA ARG A 52 0.63 -0.85 18.46
C ARG A 52 2.04 -0.68 19.04
N CYS A 53 2.89 0.06 18.34
CA CYS A 53 4.29 0.21 18.74
C CYS A 53 4.56 1.46 19.58
N LYS A 54 3.54 2.29 19.76
CA LYS A 54 3.68 3.54 20.52
C LYS A 54 4.84 4.39 19.98
N GLY A 55 5.01 4.36 18.67
CA GLY A 55 6.02 5.14 17.96
C GLY A 55 5.64 5.28 16.50
N GLU A 56 6.40 6.04 15.74
CA GLU A 56 6.06 6.26 14.33
C GLU A 56 6.69 5.19 13.43
N ILE A 57 5.82 4.40 12.80
CA ILE A 57 6.23 3.28 11.94
C ILE A 57 5.90 3.63 10.49
N PHE A 58 6.90 3.53 9.61
CA PHE A 58 6.73 3.78 8.18
C PHE A 58 6.98 2.51 7.37
N LEU A 59 6.13 2.25 6.37
CA LEU A 59 6.19 1.00 5.61
C LEU A 59 6.75 1.25 4.21
N LYS A 60 7.94 0.72 3.93
CA LYS A 60 8.55 0.82 2.61
C LYS A 60 8.03 -0.30 1.68
N PHE A 61 7.26 0.10 0.67
CA PHE A 61 6.49 -0.85 -0.16
C PHE A 61 7.22 -1.46 -1.36
N GLU A 62 8.24 -2.28 -1.09
CA GLU A 62 8.91 -3.02 -2.16
C GLU A 62 8.02 -4.13 -2.74
N ASN A 63 6.94 -4.45 -2.03
CA ASN A 63 5.88 -5.30 -2.57
C ASN A 63 5.21 -4.67 -3.80
N MET A 64 5.25 -3.34 -3.89
CA MET A 64 4.74 -2.60 -5.04
C MET A 64 5.84 -2.21 -6.06
N GLN A 65 7.06 -2.70 -5.84
CA GLN A 65 8.12 -2.53 -6.82
C GLN A 65 7.81 -3.47 -7.99
N ARG A 66 8.42 -3.20 -9.14
CA ARG A 66 8.26 -4.04 -10.33
C ARG A 66 8.66 -5.49 -10.04
N THR A 67 7.86 -6.42 -10.54
CA THR A 67 7.96 -7.88 -10.31
C THR A 67 7.39 -8.35 -8.97
N GLY A 68 7.02 -7.41 -8.10
CA GLY A 68 6.38 -7.70 -6.81
C GLY A 68 7.33 -7.79 -5.63
N SER A 69 8.60 -7.46 -5.87
CA SER A 69 9.61 -7.47 -4.83
C SER A 69 10.78 -6.57 -5.23
N PHE A 70 11.69 -6.35 -4.29
CA PHE A 70 12.85 -5.48 -4.51
C PHE A 70 13.92 -6.09 -5.43
N1 LLP A 71 12.18 -10.57 1.33
C2 LLP A 71 11.74 -10.93 0.07
C2' LLP A 71 10.31 -10.71 -0.33
C3 LLP A 71 12.62 -11.52 -0.82
O3 LLP A 71 12.20 -11.83 -1.92
C4 LLP A 71 13.96 -11.74 -0.46
C4' LLP A 71 14.95 -12.36 -1.43
C5 LLP A 71 14.38 -11.36 0.82
C6 LLP A 71 13.49 -10.77 1.70
C5' LLP A 71 15.80 -11.56 1.28
OP4 LLP A 71 16.82 -10.79 0.61
P LLP A 71 18.36 -11.17 0.74
OP1 LLP A 71 19.01 -10.12 -0.05
OP2 LLP A 71 18.45 -12.52 0.17
OP3 LLP A 71 18.61 -11.09 2.20
N LLP A 71 13.81 -7.40 -5.69
CA LLP A 71 14.91 -8.14 -6.35
CB LLP A 71 14.65 -9.65 -6.36
CG LLP A 71 14.72 -10.30 -4.98
CD LLP A 71 14.93 -11.82 -5.06
CE LLP A 71 15.51 -12.37 -3.76
NZ LLP A 71 14.51 -12.18 -2.68
C LLP A 71 15.23 -7.65 -7.75
O LLP A 71 16.30 -7.93 -8.27
N ILE A 72 14.29 -6.91 -8.35
CA ILE A 72 14.55 -6.22 -9.61
C ILE A 72 15.72 -5.22 -9.51
N ARG A 73 15.88 -4.58 -8.36
CA ARG A 73 16.90 -3.56 -8.21
C ARG A 73 18.27 -4.15 -8.42
N GLY A 74 18.59 -5.18 -7.63
CA GLY A 74 19.90 -5.83 -7.69
C GLY A 74 20.16 -6.51 -9.01
N ALA A 75 19.16 -7.21 -9.53
CA ALA A 75 19.30 -7.92 -10.80
C ALA A 75 19.54 -6.93 -11.94
N PHE A 76 18.77 -5.85 -11.94
CA PHE A 76 18.90 -4.81 -12.95
C PHE A 76 20.26 -4.11 -12.88
N ASN A 77 20.67 -3.69 -11.69
CA ASN A 77 21.99 -3.07 -11.52
C ASN A 77 23.11 -3.98 -12.03
N LYS A 78 23.04 -5.26 -11.68
CA LYS A 78 24.03 -6.23 -12.11
C LYS A 78 24.04 -6.41 -13.62
N LEU A 79 22.87 -6.67 -14.21
CA LEU A 79 22.77 -6.91 -15.66
C LEU A 79 23.16 -5.68 -16.47
N SER A 80 22.78 -4.51 -15.99
CA SER A 80 23.08 -3.24 -16.64
C SER A 80 24.58 -2.92 -16.56
N SER A 81 25.23 -3.29 -15.46
CA SER A 81 26.65 -3.00 -15.26
C SER A 81 27.58 -3.76 -16.21
N LEU A 82 27.09 -4.85 -16.79
CA LEU A 82 27.88 -5.67 -17.72
C LEU A 82 28.32 -4.88 -18.97
N THR A 83 29.49 -5.23 -19.48
CA THR A 83 29.89 -4.77 -20.82
C THR A 83 28.94 -5.39 -21.84
N GLU A 84 28.93 -4.84 -23.06
CA GLU A 84 28.10 -5.41 -24.12
C GLU A 84 28.59 -6.82 -24.47
N ALA A 85 29.90 -7.01 -24.44
CA ALA A 85 30.51 -8.33 -24.65
C ALA A 85 29.92 -9.35 -23.68
N GLU A 86 29.85 -8.97 -22.40
CA GLU A 86 29.25 -9.81 -21.36
C GLU A 86 27.75 -10.03 -21.60
N LYS A 87 27.04 -8.98 -21.98
CA LYS A 87 25.61 -9.08 -22.27
C LYS A 87 25.35 -10.07 -23.41
N ARG A 88 26.22 -10.05 -24.42
CA ARG A 88 26.10 -10.95 -25.57
C ARG A 88 26.41 -12.41 -25.24
N LYS A 89 27.01 -12.69 -24.08
CA LYS A 89 27.16 -14.07 -23.62
C LYS A 89 25.85 -14.66 -23.07
N GLY A 90 24.90 -13.80 -22.73
CA GLY A 90 23.65 -14.23 -22.09
C GLY A 90 23.84 -14.50 -20.61
N VAL A 91 22.74 -14.60 -19.87
CA VAL A 91 22.79 -14.84 -18.44
C VAL A 91 21.99 -16.07 -18.00
N VAL A 92 22.22 -16.52 -16.77
CA VAL A 92 21.51 -17.66 -16.19
C VAL A 92 21.29 -17.46 -14.68
N ALA A 93 20.21 -18.03 -14.17
CA ALA A 93 19.91 -17.98 -12.75
C ALA A 93 19.00 -19.14 -12.36
N CYS A 94 18.89 -19.37 -11.06
CA CYS A 94 17.91 -20.32 -10.54
C CYS A 94 17.13 -19.69 -9.39
N SER A 95 15.82 -19.89 -9.42
CA SER A 95 14.93 -19.39 -8.38
C SER A 95 13.56 -20.02 -8.48
N ALA A 96 12.87 -20.11 -7.34
CA ALA A 96 11.49 -20.59 -7.30
C ALA A 96 10.49 -19.42 -7.35
N GLY A 97 10.98 -18.19 -7.44
CA GLY A 97 10.09 -17.04 -7.46
C GLY A 97 10.67 -15.67 -7.77
N ASN A 98 11.09 -14.97 -6.71
CA ASN A 98 11.30 -13.53 -6.78
C ASN A 98 12.55 -13.11 -7.58
N HIS A 99 13.63 -13.86 -7.43
CA HIS A 99 14.85 -13.63 -8.21
C HIS A 99 14.64 -13.99 -9.68
N ALA A 100 13.91 -15.06 -9.93
CA ALA A 100 13.55 -15.44 -11.30
C ALA A 100 12.85 -14.29 -11.99
N GLN A 101 11.79 -13.79 -11.38
CA GLN A 101 11.02 -12.67 -11.93
C GLN A 101 11.89 -11.42 -12.13
N GLY A 102 12.73 -11.10 -11.16
CA GLY A 102 13.64 -9.94 -11.26
C GLY A 102 14.65 -10.05 -12.39
N VAL A 103 15.30 -11.20 -12.49
CA VAL A 103 16.22 -11.48 -13.60
C VAL A 103 15.48 -11.47 -14.93
N SER A 104 14.31 -12.12 -14.96
CA SER A 104 13.53 -12.21 -16.19
C SER A 104 13.07 -10.85 -16.76
N LEU A 105 12.56 -9.97 -15.90
CA LEU A 105 12.12 -8.65 -16.36
C LEU A 105 13.34 -7.82 -16.78
N SER A 106 14.40 -7.86 -15.98
CA SER A 106 15.64 -7.13 -16.27
C SER A 106 16.22 -7.50 -17.64
N CYS A 107 16.16 -8.79 -17.97
CA CYS A 107 16.56 -9.29 -19.28
C CYS A 107 15.72 -8.70 -20.41
N ALA A 108 14.42 -8.54 -20.16
CA ALA A 108 13.49 -7.93 -21.13
C ALA A 108 13.75 -6.43 -21.30
N MET A 109 14.12 -5.77 -20.21
CA MET A 109 14.34 -4.32 -20.24
C MET A 109 15.67 -3.95 -20.90
N LEU A 110 16.62 -4.87 -20.88
CA LEU A 110 17.98 -4.62 -21.34
C LEU A 110 18.29 -5.31 -22.67
N GLY A 111 17.37 -6.15 -23.14
CA GLY A 111 17.57 -6.91 -24.37
C GLY A 111 18.52 -8.08 -24.18
N ILE A 112 18.65 -8.55 -22.93
CA ILE A 112 19.63 -9.59 -22.59
C ILE A 112 18.97 -10.97 -22.66
N ASP A 113 19.72 -11.95 -23.17
CA ASP A 113 19.25 -13.33 -23.28
C ASP A 113 19.42 -14.04 -21.94
N GLY A 114 18.30 -14.33 -21.28
CA GLY A 114 18.29 -14.96 -19.96
C GLY A 114 17.69 -16.36 -19.93
N LYS A 115 18.21 -17.19 -19.01
CA LYS A 115 17.73 -18.54 -18.79
C LYS A 115 17.57 -18.76 -17.28
N VAL A 116 16.35 -19.06 -16.85
CA VAL A 116 16.05 -19.24 -15.42
C VAL A 116 15.63 -20.67 -15.12
N VAL A 117 16.35 -21.32 -14.21
CA VAL A 117 16.02 -22.66 -13.76
C VAL A 117 15.13 -22.58 -12.51
N MET A 118 14.00 -23.26 -12.55
CA MET A 118 13.05 -23.28 -11.44
C MET A 118 12.73 -24.74 -11.13
N PRO A 119 12.50 -25.05 -9.84
CA PRO A 119 12.20 -26.43 -9.46
C PRO A 119 10.90 -26.95 -10.07
N LYS A 120 10.91 -28.20 -10.52
CA LYS A 120 9.73 -28.84 -11.10
C LYS A 120 8.64 -28.97 -10.03
N GLY A 121 7.96 -27.86 -9.77
CA GLY A 121 7.00 -27.77 -8.67
C GLY A 121 6.95 -26.42 -7.98
N ALA A 122 7.41 -25.36 -8.67
CA ALA A 122 7.24 -23.99 -8.19
C ALA A 122 5.81 -23.56 -8.40
N PRO A 123 5.30 -22.64 -7.56
CA PRO A 123 3.95 -22.13 -7.79
C PRO A 123 3.76 -21.68 -9.24
N LYS A 124 2.77 -22.25 -9.92
CA LYS A 124 2.51 -21.98 -11.34
C LYS A 124 2.43 -20.48 -11.66
N SER A 125 1.96 -19.68 -10.72
CA SER A 125 1.85 -18.23 -10.91
C SER A 125 3.22 -17.58 -11.11
N LYS A 126 4.22 -18.06 -10.36
CA LYS A 126 5.58 -17.54 -10.44
C LYS A 126 6.27 -18.01 -11.73
N VAL A 127 6.02 -19.27 -12.09
CA VAL A 127 6.53 -19.85 -13.32
C VAL A 127 5.95 -19.10 -14.52
N ALA A 128 4.63 -18.85 -14.47
CA ALA A 128 3.93 -18.07 -15.49
C ALA A 128 4.51 -16.66 -15.63
N ALA A 129 4.72 -16.00 -14.49
CA ALA A 129 5.21 -14.62 -14.47
C ALA A 129 6.62 -14.52 -15.04
N THR A 130 7.50 -15.44 -14.65
CA THR A 130 8.88 -15.48 -15.19
C THR A 130 8.87 -15.71 -16.71
N CYS A 131 7.98 -16.57 -17.18
CA CYS A 131 7.83 -16.82 -18.62
C CYS A 131 7.32 -15.59 -19.35
N ASP A 132 6.25 -15.00 -18.85
CA ASP A 132 5.59 -13.86 -19.50
C ASP A 132 6.58 -12.79 -19.94
N TYR A 133 7.57 -12.52 -19.12
CA TYR A 133 8.58 -11.50 -19.43
C TYR A 133 9.37 -11.84 -20.70
N SER A 134 10.35 -12.71 -20.59
CA SER A 134 11.34 -12.88 -21.66
C SER A 134 12.15 -14.16 -21.54
N ALA A 135 12.70 -14.39 -20.35
CA ALA A 135 13.63 -15.50 -20.13
C ALA A 135 13.03 -16.86 -20.49
N GLU A 136 13.91 -17.78 -20.86
CA GLU A 136 13.55 -19.18 -21.02
C GLU A 136 13.51 -19.81 -19.64
N VAL A 137 12.40 -20.45 -19.30
CA VAL A 137 12.26 -21.14 -18.01
C VAL A 137 12.56 -22.63 -18.20
N VAL A 138 13.58 -23.12 -17.50
CA VAL A 138 13.94 -24.53 -17.50
C VAL A 138 13.47 -25.16 -16.20
N LEU A 139 12.40 -25.94 -16.27
CA LEU A 139 11.87 -26.61 -15.08
C LEU A 139 12.68 -27.89 -14.84
N HIS A 140 13.27 -28.00 -13.66
CA HIS A 140 14.19 -29.09 -13.38
C HIS A 140 14.37 -29.34 -11.88
N GLY A 141 14.07 -30.56 -11.44
CA GLY A 141 14.38 -31.00 -10.09
C GLY A 141 13.45 -30.49 -9.02
N ASP A 142 13.38 -31.22 -7.91
CA ASP A 142 12.40 -30.94 -6.85
C ASP A 142 12.91 -29.99 -5.76
N ASN A 143 14.12 -29.43 -5.92
CA ASN A 143 14.68 -28.55 -4.90
C ASN A 143 15.76 -27.60 -5.42
N PHE A 144 16.24 -26.70 -4.56
CA PHE A 144 17.26 -25.73 -4.91
C PHE A 144 18.60 -26.39 -5.23
N ASN A 145 18.99 -27.40 -4.45
CA ASN A 145 20.20 -28.16 -4.76
C ASN A 145 20.13 -28.79 -6.14
N ASP A 146 18.94 -29.24 -6.55
CA ASP A 146 18.75 -29.75 -7.90
C ASP A 146 18.89 -28.65 -8.95
N THR A 147 18.24 -27.52 -8.72
CA THR A 147 18.24 -26.41 -9.70
C THR A 147 19.62 -25.76 -9.80
N ILE A 148 20.28 -25.54 -8.66
CA ILE A 148 21.63 -24.97 -8.64
C ILE A 148 22.63 -25.88 -9.36
N ALA A 149 22.40 -27.19 -9.29
CA ALA A 149 23.24 -28.16 -10.00
C ALA A 149 23.08 -28.01 -11.52
N LYS A 150 21.86 -27.75 -11.97
CA LYS A 150 21.58 -27.58 -13.40
C LYS A 150 22.18 -26.28 -13.94
N VAL A 151 22.28 -25.27 -13.09
CA VAL A 151 22.81 -23.97 -13.50
C VAL A 151 24.27 -24.10 -13.95
N SER A 152 25.13 -24.63 -13.09
CA SER A 152 26.55 -24.75 -13.43
C SER A 152 26.82 -25.52 -14.72
N GLU A 153 25.98 -26.49 -15.05
CA GLU A 153 26.03 -27.17 -16.35
C GLU A 153 25.84 -26.17 -17.49
N ILE A 154 24.75 -25.41 -17.40
CA ILE A 154 24.47 -24.32 -18.34
C ILE A 154 25.65 -23.35 -18.43
N VAL A 155 26.22 -23.00 -17.27
CA VAL A 155 27.38 -22.10 -17.24
C VAL A 155 28.54 -22.68 -18.07
N GLU A 156 28.88 -23.94 -17.83
CA GLU A 156 30.04 -24.55 -18.46
C GLU A 156 29.77 -24.95 -19.91
N THR A 157 28.53 -25.32 -20.22
CA THR A 157 28.15 -25.70 -21.57
C THR A 157 27.93 -24.49 -22.48
N GLU A 158 27.12 -23.53 -22.02
CA GLU A 158 26.70 -22.41 -22.85
C GLU A 158 27.50 -21.12 -22.61
N GLY A 159 28.20 -21.04 -21.49
CA GLY A 159 29.02 -19.87 -21.16
C GLY A 159 28.23 -18.65 -20.73
N ARG A 160 27.02 -18.88 -20.22
CA ARG A 160 26.19 -17.78 -19.69
C ARG A 160 26.74 -17.25 -18.37
N ILE A 161 26.53 -15.96 -18.13
CA ILE A 161 26.99 -15.31 -16.91
C ILE A 161 25.98 -15.52 -15.79
N PHE A 162 26.44 -16.08 -14.67
CA PHE A 162 25.58 -16.39 -13.54
C PHE A 162 25.23 -15.12 -12.77
N ILE A 163 23.97 -14.99 -12.38
CA ILE A 163 23.47 -13.81 -11.66
C ILE A 163 23.12 -14.25 -10.25
N PRO A 164 24.02 -14.00 -9.28
CA PRO A 164 23.70 -14.41 -7.91
C PRO A 164 22.55 -13.61 -7.31
N PRO A 165 21.72 -14.26 -6.49
CA PRO A 165 20.60 -13.59 -5.84
C PRO A 165 20.97 -12.59 -4.74
N TYR A 166 22.17 -12.68 -4.19
CA TYR A 166 22.57 -11.77 -3.09
C TYR A 166 24.06 -11.54 -2.97
N ASP A 167 24.87 -12.59 -3.11
CA ASP A 167 26.30 -12.48 -2.87
C ASP A 167 27.02 -11.97 -4.13
N ASP A 168 26.87 -10.68 -4.39
CA ASP A 168 27.45 -10.03 -5.56
C ASP A 168 27.39 -8.53 -5.34
N PRO A 169 28.52 -7.81 -5.58
CA PRO A 169 28.59 -6.37 -5.26
C PRO A 169 27.67 -5.45 -6.07
N LYS A 170 27.29 -5.86 -7.28
CA LYS A 170 26.31 -5.09 -8.07
C LYS A 170 24.88 -5.32 -7.56
N VAL A 171 24.61 -6.53 -7.07
CA VAL A 171 23.29 -6.91 -6.56
C VAL A 171 23.02 -6.22 -5.22
N ILE A 172 24.02 -6.24 -4.33
CA ILE A 172 23.99 -5.53 -3.06
C ILE A 172 23.82 -4.03 -3.29
N ALA A 173 24.59 -3.49 -4.22
CA ALA A 173 24.53 -2.07 -4.55
C ALA A 173 23.13 -1.70 -5.03
N GLY A 174 22.59 -2.55 -5.90
CA GLY A 174 21.24 -2.35 -6.42
C GLY A 174 20.22 -2.26 -5.30
N GLN A 175 20.28 -3.19 -4.34
CA GLN A 175 19.34 -3.18 -3.21
C GLN A 175 19.48 -1.93 -2.37
N GLY A 176 20.71 -1.41 -2.29
CA GLY A 176 21.03 -0.24 -1.47
C GLY A 176 20.41 1.06 -1.90
N THR A 177 19.95 1.13 -3.14
CA THR A 177 19.18 2.29 -3.60
C THR A 177 17.94 2.53 -2.73
N ILE A 178 17.44 1.47 -2.10
CA ILE A 178 16.35 1.58 -1.11
C ILE A 178 16.76 2.46 0.06
N GLY A 179 17.97 2.24 0.58
CA GLY A 179 18.52 3.09 1.62
C GLY A 179 18.55 4.57 1.28
N LEU A 180 18.88 4.89 0.03
CA LEU A 180 18.90 6.28 -0.44
C LEU A 180 17.51 6.92 -0.47
N GLU A 181 16.49 6.13 -0.83
CA GLU A 181 15.11 6.61 -0.91
C GLU A 181 14.53 6.87 0.47
N ILE A 182 14.90 6.04 1.44
CA ILE A 182 14.50 6.24 2.84
C ILE A 182 15.05 7.58 3.39
N MET A 183 16.31 7.90 3.08
CA MET A 183 16.93 9.15 3.52
C MET A 183 16.30 10.37 2.89
N GLU A 184 15.88 10.24 1.63
CA GLU A 184 15.28 11.31 0.87
C GLU A 184 13.91 11.64 1.45
N ASP A 185 13.09 10.61 1.63
CA ASP A 185 11.74 10.76 2.15
C ASP A 185 11.72 11.11 3.63
N LEU A 186 12.65 10.52 4.39
CA LEU A 186 12.65 10.65 5.84
C LEU A 186 14.07 10.79 6.39
N TYR A 187 14.63 12.00 6.27
CA TYR A 187 16.02 12.27 6.67
C TYR A 187 16.26 12.04 8.16
N ASP A 188 15.21 12.18 8.97
CA ASP A 188 15.28 11.98 10.42
C ASP A 188 14.77 10.61 10.88
N VAL A 189 14.84 9.59 10.02
CA VAL A 189 14.56 8.21 10.45
C VAL A 189 15.60 7.76 11.50
N ASP A 190 15.13 7.04 12.52
CA ASP A 190 15.98 6.53 13.60
C ASP A 190 16.36 5.06 13.37
N ASN A 191 15.39 4.26 12.92
CA ASN A 191 15.58 2.82 12.73
C ASN A 191 15.13 2.39 11.34
N VAL A 192 15.85 1.43 10.77
CA VAL A 192 15.37 0.69 9.60
C VAL A 192 15.39 -0.82 9.90
N ILE A 193 14.22 -1.46 9.84
CA ILE A 193 14.10 -2.89 10.10
C ILE A 193 13.98 -3.68 8.79
N VAL A 194 14.85 -4.68 8.62
CA VAL A 194 15.07 -5.31 7.32
C VAL A 194 15.11 -6.85 7.41
N PRO A 195 14.33 -7.54 6.56
CA PRO A 195 14.42 -9.01 6.50
C PRO A 195 15.73 -9.51 5.90
N ILE A 196 16.19 -10.67 6.36
CA ILE A 196 17.40 -11.27 5.85
C ILE A 196 17.18 -12.69 5.35
N GLY A 197 17.49 -12.91 4.08
CA GLY A 197 17.68 -14.26 3.55
C GLY A 197 19.18 -14.50 3.50
N GLY A 198 19.77 -14.22 2.34
CA GLY A 198 21.21 -14.28 2.17
C GLY A 198 21.97 -13.04 2.62
N GLY A 199 21.26 -11.93 2.80
CA GLY A 199 21.84 -10.69 3.33
C GLY A 199 22.11 -9.57 2.34
N GLY A 200 21.69 -9.72 1.09
CA GLY A 200 21.93 -8.71 0.05
C GLY A 200 21.15 -7.43 0.28
N LEU A 201 19.88 -7.56 0.64
CA LEU A 201 19.02 -6.42 0.91
C LEU A 201 19.55 -5.59 2.05
N ILE A 202 19.82 -6.23 3.19
CA ILE A 202 20.26 -5.52 4.38
C ILE A 202 21.69 -5.01 4.24
N ALA A 203 22.53 -5.74 3.52
CA ALA A 203 23.88 -5.27 3.25
C ALA A 203 23.85 -3.96 2.48
N GLY A 204 23.08 -3.92 1.40
CA GLY A 204 22.95 -2.71 0.58
C GLY A 204 22.40 -1.52 1.33
N ILE A 205 21.34 -1.76 2.08
CA ILE A 205 20.69 -0.70 2.86
C ILE A 205 21.63 -0.18 3.96
N ALA A 206 22.25 -1.12 4.67
CA ALA A 206 23.20 -0.77 5.73
C ALA A 206 24.34 0.15 5.23
N ILE A 207 24.89 -0.14 4.06
CA ILE A 207 25.95 0.70 3.47
C ILE A 207 25.46 2.10 3.09
N ALA A 208 24.26 2.18 2.51
CA ALA A 208 23.68 3.45 2.11
C ALA A 208 23.31 4.33 3.31
N ILE A 209 22.70 3.71 4.30
CA ILE A 209 22.21 4.42 5.49
C ILE A 209 23.35 4.92 6.36
N LYS A 210 24.31 4.04 6.62
CA LYS A 210 25.40 4.32 7.54
C LYS A 210 26.45 5.25 6.95
N SER A 211 26.60 5.24 5.63
CA SER A 211 27.49 6.16 4.93
C SER A 211 26.94 7.58 4.96
N ILE A 212 25.62 7.73 5.06
CA ILE A 212 24.96 9.04 5.07
C ILE A 212 24.75 9.53 6.50
N ASN A 213 24.04 8.75 7.31
CA ASN A 213 23.81 9.09 8.72
C ASN A 213 23.97 7.84 9.58
N PRO A 214 25.18 7.61 10.14
CA PRO A 214 25.52 6.37 10.84
C PRO A 214 24.88 6.20 12.22
N THR A 215 24.22 7.26 12.71
CA THR A 215 23.49 7.22 13.97
C THR A 215 22.16 6.46 13.82
N ILE A 216 21.75 6.22 12.58
CA ILE A 216 20.56 5.42 12.29
C ILE A 216 20.84 3.93 12.53
N LYS A 217 19.94 3.26 13.26
CA LYS A 217 20.07 1.82 13.50
C LYS A 217 19.52 1.04 12.30
N VAL A 218 20.21 -0.05 11.96
CA VAL A 218 19.76 -0.97 10.94
C VAL A 218 19.69 -2.35 11.60
N ILE A 219 18.48 -2.90 11.67
CA ILE A 219 18.24 -4.13 12.43
C ILE A 219 17.66 -5.20 11.52
N GLY A 220 18.22 -6.40 11.60
CA GLY A 220 17.82 -7.52 10.73
C GLY A 220 16.78 -8.43 11.37
N VAL A 221 16.00 -9.11 10.54
CA VAL A 221 15.00 -10.06 11.03
C VAL A 221 15.03 -11.35 10.23
N GLN A 222 14.97 -12.48 10.95
CA GLN A 222 14.87 -13.81 10.34
C GLN A 222 13.89 -14.70 11.11
N ALA A 223 13.44 -15.75 10.44
CA ALA A 223 12.56 -16.72 11.08
C ALA A 223 13.35 -17.54 12.09
N GLU A 224 12.71 -17.91 13.20
CA GLU A 224 13.25 -18.88 14.14
C GLU A 224 13.59 -20.19 13.41
N ASN A 225 12.78 -20.54 12.41
CA ASN A 225 12.92 -21.83 11.70
C ASN A 225 14.17 -21.95 10.82
N VAL A 226 14.65 -20.82 10.30
CA VAL A 226 15.82 -20.82 9.41
C VAL A 226 16.50 -19.44 9.40
N HIS A 227 17.71 -19.39 9.95
CA HIS A 227 18.37 -18.11 10.17
C HIS A 227 19.89 -18.25 10.08
N GLY A 228 20.35 -18.59 8.88
CA GLY A 228 21.77 -18.78 8.63
C GLY A 228 22.60 -17.57 9.00
N MET A 229 22.17 -16.40 8.55
CA MET A 229 22.87 -15.14 8.82
C MET A 229 22.94 -14.82 10.32
N ALA A 230 21.83 -15.03 11.03
CA ALA A 230 21.81 -14.79 12.48
C ALA A 230 22.80 -15.69 13.21
N ALA A 231 22.77 -16.98 12.90
CA ALA A 231 23.71 -17.92 13.49
C ALA A 231 25.15 -17.51 13.26
N SER A 232 25.46 -17.08 12.03
CA SER A 232 26.79 -16.62 11.65
C SER A 232 27.21 -15.38 12.44
N TYR A 233 26.32 -14.39 12.45
CA TYR A 233 26.46 -13.14 13.21
C TYR A 233 26.87 -13.38 14.66
N TYR A 234 26.07 -14.19 15.35
CA TYR A 234 26.27 -14.48 16.76
C TYR A 234 27.37 -15.49 17.06
N THR A 235 27.89 -16.15 16.01
CA THR A 235 28.99 -17.12 16.14
C THR A 235 30.35 -16.52 15.73
N GLY A 236 30.33 -15.46 14.93
CA GLY A 236 31.57 -14.87 14.42
C GLY A 236 32.15 -15.63 13.23
N GLU A 237 31.35 -16.51 12.65
CA GLU A 237 31.79 -17.40 11.57
C GLU A 237 30.61 -17.77 10.68
N ILE A 238 30.83 -17.89 9.37
CA ILE A 238 29.76 -18.36 8.48
C ILE A 238 29.30 -19.73 8.92
N THR A 239 27.99 -19.83 9.17
CA THR A 239 27.39 -20.97 9.82
C THR A 239 26.06 -21.29 9.15
N THR A 240 25.76 -22.57 9.03
CA THR A 240 24.48 -23.02 8.47
C THR A 240 23.46 -23.13 9.60
N HIS A 241 22.23 -22.66 9.35
CA HIS A 241 21.11 -22.98 10.23
C HIS A 241 19.82 -23.22 9.46
N ARG A 242 19.20 -24.37 9.73
CA ARG A 242 17.85 -24.66 9.26
C ARG A 242 17.19 -25.77 10.07
N THR A 243 16.16 -25.40 10.82
CA THR A 243 15.32 -26.37 11.51
C THR A 243 14.31 -26.93 10.51
N THR A 244 13.63 -26.03 9.81
CA THR A 244 12.64 -26.42 8.80
C THR A 244 12.26 -25.20 7.97
N GLY A 245 11.23 -25.33 7.13
CA GLY A 245 10.75 -24.22 6.33
C GLY A 245 9.93 -23.21 7.10
N THR A 246 9.59 -22.12 6.43
CA THR A 246 8.94 -20.99 7.07
C THR A 246 7.87 -20.36 6.17
N LEU A 247 6.91 -19.67 6.78
CA LEU A 247 6.00 -18.79 6.04
C LEU A 247 6.75 -17.69 5.29
N ALA A 248 7.85 -17.20 5.88
CA ALA A 248 8.74 -16.23 5.21
C ALA A 248 9.68 -16.92 4.23
N ASP A 249 9.09 -17.61 3.27
CA ASP A 249 9.86 -18.47 2.33
C ASP A 249 10.93 -17.71 1.55
N GLY A 250 10.71 -16.42 1.28
CA GLY A 250 11.72 -15.58 0.63
C GLY A 250 13.03 -15.49 1.40
N CYS A 251 12.97 -15.70 2.72
CA CYS A 251 14.16 -15.67 3.56
C CYS A 251 14.56 -17.05 4.07
N ASP A 252 14.17 -18.09 3.32
CA ASP A 252 14.52 -19.46 3.63
C ASP A 252 15.93 -19.75 3.09
N VAL A 253 16.94 -19.25 3.82
CA VAL A 253 18.34 -19.36 3.42
C VAL A 253 19.16 -19.82 4.63
N SER A 254 19.77 -20.99 4.49
CA SER A 254 20.40 -21.69 5.60
C SER A 254 21.84 -21.22 5.81
N ARG A 255 22.46 -20.66 4.78
CA ARG A 255 23.83 -20.18 4.86
C ARG A 255 23.96 -18.84 4.14
N PRO A 256 24.44 -17.80 4.85
CA PRO A 256 24.50 -16.47 4.25
C PRO A 256 25.63 -16.34 3.24
N GLY A 257 25.60 -15.27 2.45
CA GLY A 257 26.69 -14.97 1.51
C GLY A 257 27.94 -14.48 2.23
N ASN A 258 29.07 -14.61 1.54
CA ASN A 258 30.37 -14.17 2.07
C ASN A 258 30.49 -12.67 2.17
N LEU A 259 30.15 -11.97 1.09
CA LEU A 259 30.20 -10.52 1.05
C LEU A 259 29.17 -9.92 2.01
N THR A 260 27.99 -10.53 2.06
CA THR A 260 26.90 -10.05 2.86
C THR A 260 27.20 -10.17 4.36
N TYR A 261 27.70 -11.33 4.78
CA TYR A 261 28.08 -11.54 6.17
C TYR A 261 29.14 -10.52 6.61
N GLU A 262 30.16 -10.31 5.77
CA GLU A 262 31.20 -9.33 6.06
C GLU A 262 30.61 -7.95 6.32
N ILE A 263 29.78 -7.49 5.40
CA ILE A 263 29.10 -6.21 5.54
C ILE A 263 28.20 -6.19 6.78
N VAL A 264 27.41 -7.24 6.95
CA VAL A 264 26.42 -7.31 8.04
C VAL A 264 27.07 -7.26 9.42
N ARG A 265 28.14 -8.01 9.61
CA ARG A 265 28.76 -8.09 10.93
C ARG A 265 29.42 -6.77 11.36
N GLU A 266 29.72 -5.91 10.38
CA GLU A 266 30.24 -4.57 10.66
C GLU A 266 29.12 -3.52 10.87
N LEU A 267 28.08 -3.56 10.03
CA LEU A 267 27.13 -2.43 9.95
C LEU A 267 25.73 -2.69 10.49
N VAL A 268 25.36 -3.95 10.72
CA VAL A 268 24.03 -4.29 11.19
C VAL A 268 24.01 -4.37 12.72
N ASP A 269 23.19 -3.53 13.33
CA ASP A 269 23.18 -3.34 14.79
C ASP A 269 22.74 -4.58 15.56
N ASP A 270 21.78 -5.30 15.00
CA ASP A 270 21.32 -6.54 15.58
C ASP A 270 20.55 -7.33 14.54
N ILE A 271 20.26 -8.58 14.87
CA ILE A 271 19.37 -9.43 14.10
C ILE A 271 18.46 -10.13 15.11
N VAL A 272 17.15 -10.02 14.90
CA VAL A 272 16.17 -10.65 15.79
C VAL A 272 15.43 -11.76 15.05
N LEU A 273 14.94 -12.73 15.81
CA LEU A 273 14.25 -13.89 15.25
C LEU A 273 12.78 -13.86 15.64
N VAL A 274 11.93 -14.27 14.69
CA VAL A 274 10.49 -14.27 14.90
C VAL A 274 9.89 -15.62 14.57
N SER A 275 8.86 -16.02 15.31
CA SER A 275 8.24 -17.32 15.12
C SER A 275 7.22 -17.28 13.99
N GLU A 276 6.76 -18.46 13.60
CA GLU A 276 5.74 -18.60 12.56
C GLU A 276 4.42 -17.93 12.94
N ASP A 277 4.04 -18.00 14.22
CA ASP A 277 2.86 -17.29 14.73
C ASP A 277 3.01 -15.78 14.57
N GLU A 278 4.18 -15.27 14.93
CA GLU A 278 4.49 -13.84 14.76
C GLU A 278 4.48 -13.41 13.30
N ILE A 279 5.05 -14.21 12.42
CA ILE A 279 4.99 -13.92 10.97
C ILE A 279 3.53 -13.90 10.51
N ARG A 280 2.76 -14.91 10.92
CA ARG A 280 1.35 -15.00 10.56
C ARG A 280 0.59 -13.77 11.08
N ASN A 281 0.76 -13.43 12.35
CA ASN A 281 0.13 -12.23 12.94
C ASN A 281 0.44 -10.95 12.17
N SER A 282 1.68 -10.82 11.72
CA SER A 282 2.11 -9.64 10.99
C SER A 282 1.45 -9.58 9.62
N MET A 283 1.40 -10.72 8.92
CA MET A 283 0.70 -10.79 7.63
C MET A 283 -0.76 -10.38 7.78
N ILE A 284 -1.41 -10.92 8.81
CA ILE A 284 -2.83 -10.63 9.08
C ILE A 284 -3.04 -9.13 9.33
N ALA A 285 -2.12 -8.52 10.08
CA ALA A 285 -2.18 -7.09 10.37
C ALA A 285 -1.97 -6.23 9.11
N LEU A 286 -0.96 -6.59 8.31
CA LEU A 286 -0.69 -5.83 7.10
C LEU A 286 -1.86 -5.86 6.11
N ILE A 287 -2.49 -7.03 5.96
CA ILE A 287 -3.60 -7.16 5.00
C ILE A 287 -4.91 -6.62 5.56
N GLN A 288 -5.28 -7.03 6.78
CA GLN A 288 -6.56 -6.64 7.37
C GLN A 288 -6.59 -5.22 7.91
N ARG A 289 -5.51 -4.80 8.56
CA ARG A 289 -5.48 -3.47 9.18
C ARG A 289 -4.81 -2.42 8.31
N ASN A 290 -3.94 -2.83 7.40
CA ASN A 290 -3.24 -1.89 6.53
C ASN A 290 -3.51 -2.03 5.04
N LYS A 291 -4.35 -2.99 4.66
CA LYS A 291 -4.84 -3.17 3.29
C LYS A 291 -3.74 -3.33 2.25
N VAL A 292 -2.63 -3.96 2.64
CA VAL A 292 -1.56 -4.25 1.70
C VAL A 292 -1.28 -5.75 1.65
N ILE A 293 -1.07 -6.25 0.45
CA ILE A 293 -0.71 -7.65 0.24
C ILE A 293 0.80 -7.82 0.39
N THR A 294 1.17 -8.72 1.29
CA THR A 294 2.55 -9.04 1.58
C THR A 294 2.68 -10.54 1.60
N GLU A 295 3.81 -11.03 1.09
CA GLU A 295 4.20 -12.43 1.26
C GLU A 295 4.87 -12.56 2.62
N GLY A 296 5.15 -13.77 3.04
CA GLY A 296 5.68 -14.01 4.39
C GLY A 296 6.94 -13.23 4.71
N ALA A 297 7.90 -13.26 3.79
CA ALA A 297 9.18 -12.57 4.01
C ALA A 297 8.96 -11.07 4.13
N GLY A 298 7.99 -10.54 3.37
CA GLY A 298 7.68 -9.11 3.40
C GLY A 298 7.05 -8.67 4.72
N ALA A 299 6.57 -9.64 5.49
CA ALA A 299 5.97 -9.42 6.82
C ALA A 299 6.98 -9.52 7.97
N LEU A 300 8.18 -10.04 7.69
CA LEU A 300 9.16 -10.32 8.75
C LEU A 300 9.50 -9.15 9.66
N ALA A 301 9.80 -8.00 9.08
CA ALA A 301 10.22 -6.81 9.84
C ALA A 301 9.10 -6.32 10.75
N CYS A 302 7.87 -6.36 10.21
CA CYS A 302 6.69 -5.98 10.94
C CYS A 302 6.39 -6.99 12.04
N ALA A 303 6.76 -8.25 11.80
CA ALA A 303 6.61 -9.28 12.82
C ALA A 303 7.47 -8.95 14.04
N ALA A 304 8.69 -8.46 13.78
CA ALA A 304 9.63 -8.13 14.84
C ALA A 304 9.13 -6.97 15.68
N LEU A 305 8.52 -5.98 15.02
CA LEU A 305 7.93 -4.85 15.71
C LEU A 305 6.79 -5.26 16.64
N LEU A 306 5.91 -6.12 16.15
CA LEU A 306 4.73 -6.53 16.93
C LEU A 306 5.04 -7.52 18.02
N SER A 307 6.20 -8.17 17.94
CA SER A 307 6.59 -9.19 18.90
C SER A 307 7.00 -8.61 20.24
N GLY A 308 7.28 -7.31 20.28
CA GLY A 308 7.82 -6.67 21.47
C GLY A 308 9.35 -6.69 21.52
N LYS A 309 9.97 -7.44 20.62
CA LYS A 309 11.41 -7.68 20.66
C LYS A 309 12.24 -6.46 20.24
N LEU A 310 11.59 -5.41 19.77
CA LEU A 310 12.25 -4.15 19.43
C LEU A 310 11.68 -2.97 20.25
N ASP A 311 10.99 -3.25 21.35
CA ASP A 311 10.31 -2.21 22.13
C ASP A 311 11.22 -1.10 22.65
N SER A 312 12.47 -1.43 22.93
CA SER A 312 13.44 -0.45 23.43
C SER A 312 14.01 0.48 22.34
N HIS A 313 13.61 0.27 21.08
CA HIS A 313 14.17 1.04 19.96
C HIS A 313 13.21 1.98 19.25
N ILE A 314 11.90 1.78 19.45
CA ILE A 314 10.90 2.33 18.54
C ILE A 314 9.87 3.29 19.16
N GLN A 315 9.76 3.32 20.48
CA GLN A 315 8.78 4.19 21.13
C GLN A 315 9.29 5.64 21.13
N ASN A 316 8.46 6.55 20.61
CA ASN A 316 8.82 7.94 20.40
C ASN A 316 9.94 8.15 19.36
N ARG A 317 10.08 7.19 18.45
CA ARG A 317 11.09 7.23 17.38
C ARG A 317 10.43 7.12 16.01
N LYS A 318 11.22 7.35 14.95
CA LYS A 318 10.81 7.10 13.57
C LYS A 318 11.49 5.83 13.03
N THR A 319 10.67 4.83 12.69
CA THR A 319 11.16 3.51 12.28
C THR A 319 10.55 3.08 10.95
N VAL A 320 11.42 2.67 10.02
CA VAL A 320 11.02 2.18 8.70
C VAL A 320 11.06 0.65 8.69
N SER A 321 9.94 0.05 8.29
CA SER A 321 9.83 -1.40 8.10
C SER A 321 9.76 -1.72 6.61
N ILE A 322 10.69 -2.55 6.15
CA ILE A 322 10.72 -2.96 4.75
C ILE A 322 9.70 -4.06 4.49
N ILE A 323 8.71 -3.72 3.66
CA ILE A 323 7.81 -4.69 3.07
C ILE A 323 8.50 -5.16 1.78
N SER A 324 9.31 -6.19 1.91
CA SER A 324 10.20 -6.61 0.84
C SER A 324 9.51 -7.20 -0.39
N GLY A 325 8.38 -7.87 -0.20
CA GLY A 325 7.69 -8.49 -1.32
C GLY A 325 6.20 -8.72 -1.11
N GLY A 326 5.49 -8.86 -2.22
CA GLY A 326 4.07 -9.14 -2.20
C GLY A 326 3.69 -10.28 -3.11
N ASN A 327 4.64 -11.18 -3.38
CA ASN A 327 4.41 -12.27 -4.32
C ASN A 327 3.93 -13.53 -3.59
N ILE A 328 2.62 -13.56 -3.41
CA ILE A 328 1.95 -14.67 -2.79
C ILE A 328 0.58 -14.74 -3.46
N ASP A 329 0.14 -15.96 -3.74
CA ASP A 329 -1.19 -16.16 -4.31
C ASP A 329 -2.25 -15.71 -3.32
N LEU A 330 -3.22 -14.95 -3.83
CA LEU A 330 -4.33 -14.45 -3.04
C LEU A 330 -5.05 -15.57 -2.29
N SER A 331 -5.10 -16.76 -2.88
CA SER A 331 -5.62 -17.97 -2.20
C SER A 331 -4.86 -18.32 -0.92
N ARG A 332 -3.54 -18.15 -0.94
CA ARG A 332 -2.70 -18.49 0.21
C ARG A 332 -2.82 -17.42 1.30
N VAL A 333 -2.91 -16.17 0.87
CA VAL A 333 -3.18 -15.04 1.76
C VAL A 333 -4.47 -15.28 2.54
N SER A 334 -5.48 -15.82 1.85
CA SER A 334 -6.78 -16.12 2.46
C SER A 334 -6.70 -17.22 3.53
N GLN A 335 -5.98 -18.30 3.23
CA GLN A 335 -5.87 -19.41 4.18
C GLN A 335 -4.89 -19.10 5.32
N ILE A 336 -3.87 -18.29 5.04
CA ILE A 336 -2.96 -17.84 6.10
C ILE A 336 -3.65 -16.82 7.02
N THR A 337 -4.40 -15.91 6.41
CA THR A 337 -5.13 -14.87 7.15
C THR A 337 -6.47 -15.39 7.63
N GLY A 338 -7.43 -14.48 7.83
CA GLY A 338 -8.81 -14.87 8.15
C GLY A 338 -9.52 -15.42 6.92
N TYR B 18 -20.87 32.16 -6.96
CA TYR B 18 -19.88 32.94 -6.15
C TYR B 18 -19.84 32.46 -4.70
N ASP B 19 -21.01 32.31 -4.08
CA ASP B 19 -21.13 31.94 -2.67
C ASP B 19 -21.39 30.45 -2.49
N LEU B 20 -20.43 29.75 -1.87
CA LEU B 20 -20.55 28.31 -1.61
C LEU B 20 -20.61 28.02 -0.10
N PRO B 21 -21.28 26.92 0.29
CA PRO B 21 -21.52 26.63 1.71
C PRO B 21 -20.30 26.09 2.48
N VAL B 22 -19.18 25.89 1.78
CA VAL B 22 -17.93 25.51 2.43
C VAL B 22 -16.75 26.21 1.74
N ALA B 23 -15.78 26.65 2.53
CA ALA B 23 -14.63 27.39 2.05
C ALA B 23 -13.33 26.77 2.54
N ILE B 24 -12.21 27.18 1.96
CA ILE B 24 -10.90 26.69 2.36
C ILE B 24 -10.66 26.78 3.88
N GLU B 25 -11.25 27.78 4.54
CA GLU B 25 -11.07 27.96 5.98
C GLU B 25 -11.63 26.78 6.78
N ASP B 26 -12.77 26.24 6.33
CA ASP B 26 -13.41 25.09 6.95
C ASP B 26 -12.50 23.85 6.91
N ILE B 27 -11.78 23.69 5.80
CA ILE B 27 -10.80 22.61 5.59
C ILE B 27 -9.49 22.86 6.38
N LEU B 28 -9.14 24.13 6.53
CA LEU B 28 -7.99 24.52 7.36
C LEU B 28 -8.31 24.40 8.85
N GLU B 29 -9.56 24.70 9.21
CA GLU B 29 -10.05 24.40 10.57
C GLU B 29 -10.03 22.91 10.85
N ALA B 30 -10.49 22.11 9.88
CA ALA B 30 -10.54 20.66 10.02
C ALA B 30 -9.13 20.08 10.19
N LYS B 31 -8.19 20.55 9.37
CA LYS B 31 -6.80 20.14 9.47
C LYS B 31 -6.36 20.26 10.92
N LYS B 32 -6.71 21.38 11.54
CA LYS B 32 -6.29 21.69 12.92
C LYS B 32 -6.97 20.81 13.98
N ARG B 33 -8.24 20.48 13.77
CA ARG B 33 -8.92 19.52 14.65
C ARG B 33 -8.33 18.12 14.46
N LEU B 34 -7.96 17.78 13.24
CA LEU B 34 -7.35 16.47 12.95
C LEU B 34 -5.86 16.39 13.33
N ALA B 35 -5.25 17.55 13.57
CA ALA B 35 -3.83 17.63 13.91
C ALA B 35 -3.47 16.72 15.07
N GLY B 36 -2.69 15.68 14.78
CA GLY B 36 -2.19 14.74 15.79
C GLY B 36 -3.15 13.62 16.14
N LYS B 37 -4.17 13.41 15.31
CA LYS B 37 -5.20 12.41 15.58
C LYS B 37 -5.47 11.52 14.36
N ILE B 38 -5.70 12.14 13.21
CA ILE B 38 -5.83 11.43 11.95
C ILE B 38 -4.63 11.81 11.06
N TYR B 39 -4.08 10.84 10.34
CA TYR B 39 -2.78 11.01 9.68
C TYR B 39 -2.80 10.82 8.16
N LYS B 40 -1.80 11.40 7.51
CA LYS B 40 -1.66 11.37 6.06
CA LYS B 40 -1.66 11.37 6.05
C LYS B 40 -1.43 9.95 5.54
N THR B 41 -2.10 9.63 4.44
CA THR B 41 -1.97 8.33 3.80
C THR B 41 -0.96 8.38 2.65
N GLY B 42 -0.44 7.20 2.28
CA GLY B 42 0.51 7.07 1.18
C GLY B 42 -0.04 7.52 -0.15
N MET B 43 0.84 7.99 -1.03
CA MET B 43 0.46 8.41 -2.38
C MET B 43 1.53 8.06 -3.42
N PRO B 44 1.87 6.77 -3.54
CA PRO B 44 3.02 6.42 -4.38
C PRO B 44 2.68 6.41 -5.86
N ARG B 45 3.66 6.74 -6.69
CA ARG B 45 3.59 6.48 -8.12
C ARG B 45 3.29 4.99 -8.32
N SER B 46 2.42 4.69 -9.28
CA SER B 46 2.06 3.30 -9.60
C SER B 46 2.80 2.84 -10.86
N ASN B 47 3.50 1.72 -10.77
CA ASN B 47 4.20 1.16 -11.93
C ASN B 47 3.22 0.73 -13.01
N TYR B 48 2.30 -0.16 -12.62
CA TYR B 48 1.35 -0.74 -13.57
C TYR B 48 0.49 0.29 -14.26
N PHE B 49 -0.14 1.16 -13.46
CA PHE B 49 -1.10 2.11 -14.01
C PHE B 49 -0.42 3.13 -14.90
N SER B 50 0.81 3.52 -14.55
CA SER B 50 1.56 4.50 -15.34
C SER B 50 1.97 3.95 -16.70
N GLU B 51 2.31 2.67 -16.74
CA GLU B 51 2.64 1.99 -18.01
C GLU B 51 1.36 1.91 -18.85
N ARG B 52 0.30 1.37 -18.25
CA ARG B 52 -1.02 1.29 -18.91
C ARG B 52 -1.48 2.64 -19.46
N CYS B 53 -1.38 3.67 -18.64
CA CYS B 53 -2.01 4.96 -18.92
C CYS B 53 -1.11 5.96 -19.62
N LYS B 54 0.15 5.59 -19.88
CA LYS B 54 1.11 6.44 -20.59
C LYS B 54 1.23 7.83 -19.96
N GLY B 55 1.13 7.87 -18.63
CA GLY B 55 1.35 9.08 -17.84
C GLY B 55 1.63 8.67 -16.40
N GLU B 56 1.98 9.62 -15.56
CA GLU B 56 2.32 9.29 -14.18
C GLU B 56 1.05 9.19 -13.33
N ILE B 57 0.80 7.98 -12.83
CA ILE B 57 -0.37 7.67 -12.00
C ILE B 57 0.10 7.44 -10.55
N PHE B 58 -0.46 8.23 -9.63
CA PHE B 58 -0.22 8.10 -8.19
C PHE B 58 -1.52 7.63 -7.51
N LEU B 59 -1.39 6.82 -6.44
CA LEU B 59 -2.55 6.20 -5.76
C LEU B 59 -2.68 6.64 -4.30
N LYS B 60 -3.70 7.43 -3.98
CA LYS B 60 -3.91 7.93 -2.62
C LYS B 60 -4.65 6.90 -1.75
N PHE B 61 -3.93 6.36 -0.76
CA PHE B 61 -4.41 5.22 0.04
C PHE B 61 -5.32 5.56 1.23
N GLU B 62 -6.54 6.04 0.96
CA GLU B 62 -7.53 6.27 2.04
C GLU B 62 -8.14 4.97 2.56
N ASN B 63 -7.95 3.88 1.82
CA ASN B 63 -8.21 2.53 2.34
C ASN B 63 -7.39 2.21 3.57
N MET B 64 -6.22 2.84 3.68
CA MET B 64 -5.29 2.67 4.80
C MET B 64 -5.47 3.75 5.86
N GLN B 65 -6.48 4.60 5.69
CA GLN B 65 -6.91 5.53 6.73
C GLN B 65 -7.67 4.73 7.77
N ARG B 66 -7.79 5.27 8.98
CA ARG B 66 -8.45 4.58 10.10
C ARG B 66 -9.88 4.16 9.76
N THR B 67 -10.23 2.95 10.20
CA THR B 67 -11.53 2.29 9.92
C THR B 67 -11.62 1.63 8.55
N GLY B 68 -10.68 1.94 7.65
CA GLY B 68 -10.62 1.32 6.33
C GLY B 68 -11.18 2.17 5.20
N SER B 69 -11.58 3.40 5.53
CA SER B 69 -12.04 4.35 4.52
C SER B 69 -11.79 5.77 5.02
N PHE B 70 -11.98 6.73 4.13
CA PHE B 70 -11.80 8.15 4.45
C PHE B 70 -12.84 8.69 5.42
N1 LLP B 71 -15.97 5.30 -1.51
C2 LLP B 71 -16.10 4.65 -0.31
C2' LLP B 71 -15.22 3.45 -0.01
C3 LLP B 71 -17.01 5.12 0.61
O3 LLP B 71 -17.09 4.50 1.68
C4 LLP B 71 -17.81 6.24 0.34
C4' LLP B 71 -18.83 6.79 1.33
C5 LLP B 71 -17.67 6.88 -0.90
C6 LLP B 71 -16.74 6.40 -1.80
C5' LLP B 71 -18.49 8.08 -1.29
OP4 LLP B 71 -18.30 9.36 -0.63
P LLP B 71 -19.41 10.51 -0.76
OP1 LLP B 71 -18.83 11.58 0.11
OP2 LLP B 71 -20.67 9.93 -0.23
OP3 LLP B 71 -19.41 10.89 -2.20
N LLP B 71 -13.92 7.94 5.65
CA LLP B 71 -15.10 8.49 6.32
CB LLP B 71 -16.27 7.49 6.32
CG LLP B 71 -16.94 7.38 4.94
CD LLP B 71 -18.41 6.96 4.99
CE LLP B 71 -19.13 7.24 3.65
NZ LLP B 71 -18.65 6.32 2.56
C LLP B 71 -14.80 9.00 7.72
O LLP B 71 -15.48 9.89 8.22
N ILE B 72 -13.78 8.43 8.35
CA ILE B 72 -13.32 8.89 9.64
C ILE B 72 -12.99 10.40 9.65
N ARG B 73 -12.43 10.91 8.56
CA ARG B 73 -12.00 12.31 8.47
C ARG B 73 -13.16 13.30 8.70
N GLY B 74 -14.16 13.25 7.82
CA GLY B 74 -15.34 14.11 7.96
C GLY B 74 -16.10 13.86 9.24
N ALA B 75 -16.21 12.58 9.63
CA ALA B 75 -16.90 12.21 10.85
C ALA B 75 -16.17 12.70 12.10
N PHE B 76 -14.84 12.74 12.06
CA PHE B 76 -14.07 13.17 13.22
C PHE B 76 -14.14 14.69 13.39
N ASN B 77 -14.10 15.41 12.27
CA ASN B 77 -14.24 16.86 12.26
C ASN B 77 -15.59 17.32 12.79
N LYS B 78 -16.66 16.68 12.34
CA LYS B 78 -17.99 17.02 12.80
C LYS B 78 -18.10 16.78 14.31
N LEU B 79 -17.86 15.54 14.71
CA LEU B 79 -18.02 15.12 16.09
C LEU B 79 -17.19 15.92 17.11
N SER B 80 -16.02 16.40 16.71
CA SER B 80 -15.14 17.16 17.61
C SER B 80 -15.36 18.67 17.52
N SER B 81 -15.98 19.15 16.44
CA SER B 81 -16.37 20.55 16.32
C SER B 81 -17.70 20.84 17.06
N LEU B 82 -18.39 19.78 17.49
CA LEU B 82 -19.54 19.91 18.37
C LEU B 82 -19.11 20.46 19.72
N THR B 83 -20.00 21.18 20.38
CA THR B 83 -19.75 21.63 21.75
C THR B 83 -19.95 20.45 22.71
N GLU B 84 -19.48 20.61 23.94
CA GLU B 84 -19.74 19.63 25.00
C GLU B 84 -21.25 19.51 25.20
N ALA B 85 -21.92 20.67 25.20
CA ALA B 85 -23.38 20.74 25.25
C ALA B 85 -24.02 19.91 24.14
N GLU B 86 -23.34 19.81 23.00
CA GLU B 86 -23.80 18.98 21.90
C GLU B 86 -23.36 17.54 22.03
N LYS B 87 -22.17 17.31 22.58
CA LYS B 87 -21.63 15.94 22.79
C LYS B 87 -22.40 15.18 23.87
N ARG B 88 -22.88 15.89 24.89
CA ARG B 88 -23.68 15.27 25.95
C ARG B 88 -24.99 14.72 25.41
N LYS B 89 -25.46 15.29 24.29
CA LYS B 89 -26.73 14.90 23.70
C LYS B 89 -26.69 13.49 23.11
N GLY B 90 -25.49 12.93 22.99
CA GLY B 90 -25.29 11.71 22.21
C GLY B 90 -25.41 12.02 20.72
N VAL B 91 -25.04 11.04 19.89
CA VAL B 91 -25.13 11.17 18.44
C VAL B 91 -25.68 9.89 17.83
N VAL B 92 -26.15 9.98 16.60
CA VAL B 92 -26.80 8.87 15.93
C VAL B 92 -26.61 8.92 14.43
N ALA B 93 -26.46 7.74 13.82
CA ALA B 93 -26.31 7.62 12.37
C ALA B 93 -26.93 6.31 11.87
N CYS B 94 -26.94 6.13 10.54
CA CYS B 94 -27.33 4.85 9.95
C CYS B 94 -26.42 4.50 8.78
N SER B 95 -26.03 3.23 8.73
CA SER B 95 -25.16 2.72 7.69
C SER B 95 -25.05 1.21 7.79
N ALA B 96 -24.73 0.56 6.68
CA ALA B 96 -24.48 -0.88 6.66
C ALA B 96 -22.98 -1.17 6.58
N GLY B 97 -22.16 -0.12 6.52
CA GLY B 97 -20.73 -0.30 6.39
C GLY B 97 -19.86 0.81 6.95
N ASN B 98 -19.31 1.61 6.05
CA ASN B 98 -18.16 2.48 6.34
C ASN B 98 -18.42 3.70 7.22
N HIS B 99 -19.56 4.35 7.00
CA HIS B 99 -19.93 5.55 7.77
C HIS B 99 -20.18 5.20 9.24
N ALA B 100 -20.86 4.08 9.46
CA ALA B 100 -21.04 3.49 10.77
C ALA B 100 -19.69 3.34 11.48
N GLN B 101 -18.68 2.85 10.77
CA GLN B 101 -17.36 2.62 11.37
C GLN B 101 -16.64 3.93 11.66
N GLY B 102 -16.74 4.88 10.73
CA GLY B 102 -16.13 6.20 10.87
C GLY B 102 -16.63 6.98 12.08
N VAL B 103 -17.95 7.00 12.31
CA VAL B 103 -18.48 7.70 13.46
C VAL B 103 -18.12 6.97 14.76
N SER B 104 -18.03 5.64 14.68
CA SER B 104 -17.81 4.83 15.88
C SER B 104 -16.41 5.04 16.47
N LEU B 105 -15.40 4.92 15.62
CA LEU B 105 -14.02 5.22 16.02
C LEU B 105 -13.92 6.64 16.58
N SER B 106 -14.56 7.59 15.88
CA SER B 106 -14.62 8.99 16.32
C SER B 106 -15.34 9.14 17.66
N CYS B 107 -16.40 8.36 17.85
CA CYS B 107 -17.15 8.37 19.11
C CYS B 107 -16.34 7.82 20.27
N ALA B 108 -15.49 6.81 20.00
CA ALA B 108 -14.57 6.28 21.00
C ALA B 108 -13.47 7.29 21.28
N MET B 109 -12.81 7.76 20.21
CA MET B 109 -11.73 8.76 20.32
C MET B 109 -12.13 10.00 21.13
N LEU B 110 -13.34 10.51 20.88
CA LEU B 110 -13.87 11.70 21.57
C LEU B 110 -14.66 11.35 22.82
N GLY B 111 -14.98 10.08 23.01
CA GLY B 111 -15.77 9.63 24.16
C GLY B 111 -17.23 10.02 24.09
N ILE B 112 -17.71 10.33 22.88
CA ILE B 112 -19.10 10.67 22.66
C ILE B 112 -19.92 9.39 22.59
N ASP B 113 -21.08 9.38 23.22
CA ASP B 113 -22.01 8.27 23.14
C ASP B 113 -22.63 8.25 21.75
N GLY B 114 -22.37 7.18 21.01
CA GLY B 114 -22.89 6.99 19.66
C GLY B 114 -23.83 5.79 19.55
N LYS B 115 -24.88 5.94 18.75
CA LYS B 115 -25.69 4.81 18.33
C LYS B 115 -25.70 4.73 16.79
N VAL B 116 -25.77 3.51 16.26
CA VAL B 116 -25.72 3.27 14.81
C VAL B 116 -26.78 2.27 14.39
N VAL B 117 -27.67 2.68 13.49
CA VAL B 117 -28.73 1.81 12.99
C VAL B 117 -28.25 1.09 11.73
N MET B 118 -28.60 -0.19 11.61
CA MET B 118 -28.26 -0.99 10.43
C MET B 118 -29.46 -1.81 10.00
N PRO B 119 -29.49 -2.24 8.71
CA PRO B 119 -30.52 -3.19 8.30
C PRO B 119 -30.28 -4.58 8.90
N LYS B 120 -31.27 -5.47 8.81
CA LYS B 120 -31.19 -6.78 9.44
C LYS B 120 -30.50 -7.85 8.57
N GLY B 121 -29.57 -7.43 7.72
CA GLY B 121 -28.75 -8.35 6.93
C GLY B 121 -27.46 -7.72 6.42
N ALA B 122 -26.91 -6.78 7.20
CA ALA B 122 -25.66 -6.12 6.85
C ALA B 122 -24.49 -7.04 7.18
N PRO B 123 -23.46 -7.10 6.29
CA PRO B 123 -22.31 -8.00 6.45
C PRO B 123 -21.84 -8.14 7.90
N LYS B 124 -21.77 -9.38 8.38
CA LYS B 124 -21.41 -9.65 9.78
C LYS B 124 -20.04 -9.10 10.14
N SER B 125 -19.14 -9.03 9.15
CA SER B 125 -17.82 -8.42 9.35
C SER B 125 -17.96 -6.93 9.66
N LYS B 126 -18.87 -6.25 8.97
CA LYS B 126 -19.14 -4.83 9.22
C LYS B 126 -19.92 -4.60 10.51
N VAL B 127 -20.77 -5.56 10.87
CA VAL B 127 -21.62 -5.45 12.07
C VAL B 127 -20.85 -5.59 13.40
N ALA B 128 -19.72 -6.29 13.38
CA ALA B 128 -18.86 -6.42 14.57
C ALA B 128 -17.81 -5.31 14.64
N ALA B 129 -17.27 -4.93 13.47
CA ALA B 129 -16.29 -3.86 13.37
C ALA B 129 -16.75 -2.55 14.03
N THR B 130 -18.05 -2.27 13.92
CA THR B 130 -18.64 -1.04 14.47
C THR B 130 -18.91 -1.13 15.98
N CYS B 131 -19.21 -2.33 16.47
CA CYS B 131 -19.37 -2.56 17.91
C CYS B 131 -18.04 -2.43 18.63
N ASP B 132 -17.02 -3.10 18.08
CA ASP B 132 -15.66 -3.05 18.59
C ASP B 132 -15.14 -1.61 18.66
N TYR B 133 -15.55 -0.78 17.69
CA TYR B 133 -15.18 0.64 17.68
C TYR B 133 -15.93 1.51 18.72
N SER B 134 -16.80 0.91 19.52
CA SER B 134 -17.36 1.49 20.77
C SER B 134 -18.86 1.82 20.71
N ALA B 135 -19.34 2.27 19.56
CA ALA B 135 -20.74 2.69 19.40
C ALA B 135 -21.72 1.52 19.48
N GLU B 136 -22.93 1.82 19.94
CA GLU B 136 -24.00 0.81 20.06
C GLU B 136 -24.65 0.57 18.70
N VAL B 137 -24.65 -0.68 18.25
CA VAL B 137 -25.35 -1.03 17.01
C VAL B 137 -26.79 -1.39 17.33
N VAL B 138 -27.70 -0.91 16.48
CA VAL B 138 -29.10 -1.33 16.50
C VAL B 138 -29.49 -1.87 15.12
N LEU B 139 -29.72 -3.17 15.04
CA LEU B 139 -30.21 -3.80 13.81
C LEU B 139 -31.71 -3.56 13.72
N HIS B 140 -32.18 -3.11 12.55
CA HIS B 140 -33.59 -2.75 12.38
C HIS B 140 -33.97 -2.65 10.90
N GLY B 141 -35.03 -3.35 10.52
CA GLY B 141 -35.62 -3.23 9.18
C GLY B 141 -34.85 -3.95 8.09
N ASP B 142 -35.56 -4.34 7.04
CA ASP B 142 -34.98 -5.09 5.92
C ASP B 142 -34.71 -4.22 4.68
N ASN B 143 -34.52 -2.91 4.89
CA ASN B 143 -34.08 -2.00 3.82
C ASN B 143 -33.44 -0.73 4.38
N PHE B 144 -32.94 0.14 3.50
CA PHE B 144 -32.26 1.37 3.92
C PHE B 144 -33.20 2.46 4.46
N ASN B 145 -34.38 2.59 3.86
CA ASN B 145 -35.33 3.62 4.29
C ASN B 145 -35.95 3.33 5.65
N ASP B 146 -36.04 2.04 6.00
CA ASP B 146 -36.37 1.62 7.36
C ASP B 146 -35.34 2.15 8.33
N THR B 147 -34.07 2.04 7.96
CA THR B 147 -32.96 2.55 8.79
C THR B 147 -33.15 4.04 9.10
N ILE B 148 -33.47 4.82 8.07
CA ILE B 148 -33.71 6.27 8.21
C ILE B 148 -35.00 6.53 9.01
N ALA B 149 -35.96 5.63 8.90
CA ALA B 149 -37.19 5.75 9.68
C ALA B 149 -36.87 5.67 11.17
N LYS B 150 -36.00 4.71 11.51
CA LYS B 150 -35.59 4.51 12.90
C LYS B 150 -34.76 5.67 13.42
N VAL B 151 -33.85 6.18 12.59
CA VAL B 151 -33.00 7.31 13.01
C VAL B 151 -33.85 8.53 13.37
N SER B 152 -34.82 8.84 12.51
CA SER B 152 -35.74 9.96 12.75
C SER B 152 -36.48 9.79 14.09
N GLU B 153 -36.87 8.55 14.40
CA GLU B 153 -37.50 8.20 15.67
C GLU B 153 -36.55 8.39 16.86
N ILE B 154 -35.31 7.95 16.70
CA ILE B 154 -34.28 8.07 17.74
C ILE B 154 -33.91 9.52 18.02
N VAL B 155 -33.74 10.33 16.96
CA VAL B 155 -33.47 11.76 17.11
C VAL B 155 -34.66 12.43 17.82
N GLU B 156 -35.86 12.10 17.37
CA GLU B 156 -37.09 12.62 17.95
C GLU B 156 -37.20 12.30 19.44
N THR B 157 -36.99 11.03 19.80
CA THR B 157 -37.22 10.56 21.18
C THR B 157 -36.02 10.80 22.11
N GLU B 158 -34.82 10.51 21.64
CA GLU B 158 -33.61 10.58 22.47
C GLU B 158 -32.88 11.92 22.37
N GLY B 159 -33.16 12.69 21.32
CA GLY B 159 -32.56 14.02 21.15
C GLY B 159 -31.09 13.96 20.76
N ARG B 160 -30.74 12.97 19.97
CA ARG B 160 -29.35 12.77 19.55
C ARG B 160 -29.05 13.50 18.24
N ILE B 161 -27.81 13.96 18.10
CA ILE B 161 -27.36 14.67 16.90
C ILE B 161 -27.09 13.69 15.77
N PHE B 162 -27.87 13.80 14.69
CA PHE B 162 -27.67 12.97 13.49
C PHE B 162 -26.36 13.34 12.78
N ILE B 163 -25.59 12.33 12.37
CA ILE B 163 -24.31 12.56 11.69
C ILE B 163 -24.45 12.21 10.20
N PRO B 164 -24.64 13.24 9.35
CA PRO B 164 -24.83 12.93 7.91
C PRO B 164 -23.58 12.31 7.28
N PRO B 165 -23.75 11.32 6.38
CA PRO B 165 -22.59 10.71 5.69
C PRO B 165 -21.89 11.60 4.65
N TYR B 166 -22.54 12.69 4.24
CA TYR B 166 -21.91 13.61 3.29
C TYR B 166 -22.43 15.05 3.32
N ASP B 167 -23.72 15.23 3.60
CA ASP B 167 -24.36 16.51 3.34
C ASP B 167 -24.27 17.41 4.58
N ASP B 168 -23.05 17.86 4.84
CA ASP B 168 -22.73 18.61 6.06
C ASP B 168 -21.42 19.37 5.81
N PRO B 169 -21.36 20.66 6.21
CA PRO B 169 -20.17 21.48 5.88
C PRO B 169 -18.87 21.01 6.53
N LYS B 170 -18.98 20.48 7.74
CA LYS B 170 -17.82 19.99 8.50
C LYS B 170 -17.35 18.63 7.99
N VAL B 171 -18.31 17.76 7.67
CA VAL B 171 -18.03 16.47 7.04
C VAL B 171 -17.22 16.69 5.75
N ILE B 172 -17.73 17.60 4.92
CA ILE B 172 -17.10 17.97 3.65
C ILE B 172 -15.72 18.60 3.90
N ALA B 173 -15.64 19.42 4.93
CA ALA B 173 -14.37 20.05 5.30
C ALA B 173 -13.33 19.00 5.68
N GLY B 174 -13.70 18.09 6.58
CA GLY B 174 -12.84 16.97 6.95
C GLY B 174 -12.32 16.23 5.72
N GLN B 175 -13.25 15.79 4.86
CA GLN B 175 -12.88 15.12 3.61
C GLN B 175 -11.86 15.91 2.80
N GLY B 176 -12.03 17.23 2.79
CA GLY B 176 -11.14 18.13 2.04
C GLY B 176 -9.67 18.07 2.42
N THR B 177 -9.38 17.62 3.64
CA THR B 177 -8.00 17.55 4.13
C THR B 177 -7.14 16.65 3.24
N ILE B 178 -7.80 15.76 2.49
CA ILE B 178 -7.17 14.93 1.49
C ILE B 178 -6.56 15.74 0.35
N GLY B 179 -7.31 16.74 -0.10
CA GLY B 179 -6.86 17.68 -1.13
C GLY B 179 -5.59 18.37 -0.73
N LEU B 180 -5.52 18.85 0.52
CA LEU B 180 -4.28 19.46 1.04
C LEU B 180 -3.14 18.45 1.00
N GLU B 181 -3.36 17.24 1.53
CA GLU B 181 -2.35 16.17 1.50
C GLU B 181 -1.76 15.93 0.08
N ILE B 182 -2.63 15.90 -0.93
CA ILE B 182 -2.24 15.67 -2.33
C ILE B 182 -1.26 16.74 -2.83
N MET B 183 -1.62 18.01 -2.64
CA MET B 183 -0.81 19.13 -3.11
C MET B 183 0.45 19.31 -2.27
N GLU B 184 0.41 18.80 -1.04
CA GLU B 184 1.53 18.83 -0.14
C GLU B 184 2.60 17.85 -0.61
N ASP B 185 2.15 16.70 -1.10
CA ASP B 185 3.06 15.63 -1.56
C ASP B 185 3.47 15.76 -3.02
N LEU B 186 2.58 16.32 -3.85
CA LEU B 186 2.83 16.38 -5.29
C LEU B 186 2.16 17.61 -5.87
N TYR B 187 2.84 18.75 -5.84
CA TYR B 187 2.20 19.97 -6.33
C TYR B 187 2.56 20.38 -7.75
N ASP B 188 2.95 19.42 -8.57
CA ASP B 188 2.84 19.56 -10.02
C ASP B 188 1.86 18.51 -10.54
N VAL B 189 0.89 18.15 -9.71
CA VAL B 189 -0.22 17.30 -10.10
C VAL B 189 -1.09 18.01 -11.15
N ASP B 190 -1.51 17.24 -12.15
CA ASP B 190 -2.36 17.76 -13.22
C ASP B 190 -3.81 17.42 -12.96
N ASN B 191 -4.06 16.15 -12.62
CA ASN B 191 -5.42 15.61 -12.49
C ASN B 191 -5.61 14.89 -11.14
N VAL B 192 -6.81 15.03 -10.58
CA VAL B 192 -7.23 14.24 -9.44
C VAL B 192 -8.54 13.55 -9.81
N ILE B 193 -8.58 12.22 -9.67
CA ILE B 193 -9.76 11.43 -10.02
C ILE B 193 -10.43 10.90 -8.75
N VAL B 194 -11.72 11.16 -8.60
CA VAL B 194 -12.41 10.96 -7.32
C VAL B 194 -13.77 10.21 -7.44
N PRO B 195 -14.01 9.19 -6.58
CA PRO B 195 -15.33 8.54 -6.50
C PRO B 195 -16.42 9.40 -5.85
N ILE B 196 -17.67 9.26 -6.31
CA ILE B 196 -18.82 9.97 -5.71
C ILE B 196 -19.98 9.05 -5.31
N GLY B 197 -20.42 9.19 -4.06
CA GLY B 197 -21.67 8.60 -3.58
C GLY B 197 -22.70 9.71 -3.41
N GLY B 198 -22.80 10.23 -2.18
CA GLY B 198 -23.57 11.44 -1.90
C GLY B 198 -22.86 12.76 -2.24
N GLY B 199 -21.53 12.71 -2.37
CA GLY B 199 -20.75 13.85 -2.90
C GLY B 199 -19.77 14.57 -1.97
N GLY B 200 -19.59 14.09 -0.74
CA GLY B 200 -18.73 14.76 0.24
C GLY B 200 -17.24 14.70 -0.02
N LEU B 201 -16.78 13.60 -0.59
CA LEU B 201 -15.36 13.39 -0.80
C LEU B 201 -14.89 14.35 -1.89
N ILE B 202 -15.56 14.35 -3.03
CA ILE B 202 -15.18 15.21 -4.14
C ILE B 202 -15.40 16.71 -3.82
N ALA B 203 -16.44 16.99 -3.04
CA ALA B 203 -16.73 18.36 -2.61
C ALA B 203 -15.57 18.93 -1.80
N GLY B 204 -15.19 18.24 -0.73
CA GLY B 204 -14.06 18.63 0.09
C GLY B 204 -12.81 18.76 -0.74
N ILE B 205 -12.47 17.66 -1.42
CA ILE B 205 -11.26 17.63 -2.25
C ILE B 205 -11.20 18.80 -3.24
N ALA B 206 -12.30 19.07 -3.93
CA ALA B 206 -12.38 20.16 -4.92
C ALA B 206 -12.20 21.56 -4.32
N ILE B 207 -12.73 21.81 -3.12
CA ILE B 207 -12.57 23.10 -2.47
C ILE B 207 -11.10 23.34 -2.15
N ALA B 208 -10.50 22.35 -1.47
CA ALA B 208 -9.07 22.36 -1.17
C ALA B 208 -8.25 22.62 -2.44
N ILE B 209 -8.48 21.81 -3.47
CA ILE B 209 -7.70 21.92 -4.71
C ILE B 209 -7.92 23.25 -5.42
N LYS B 210 -9.19 23.61 -5.64
CA LYS B 210 -9.54 24.81 -6.42
C LYS B 210 -9.12 26.12 -5.74
N SER B 211 -9.14 26.14 -4.41
CA SER B 211 -8.77 27.34 -3.62
C SER B 211 -7.27 27.64 -3.67
N ILE B 212 -6.47 26.60 -3.91
CA ILE B 212 -5.02 26.73 -3.87
C ILE B 212 -4.43 26.69 -5.28
N ASN B 213 -4.84 25.73 -6.10
CA ASN B 213 -4.41 25.67 -7.50
C ASN B 213 -5.56 25.20 -8.39
N PRO B 214 -6.37 26.15 -8.90
CA PRO B 214 -7.56 25.83 -9.67
C PRO B 214 -7.31 25.20 -11.06
N THR B 215 -6.07 25.28 -11.57
CA THR B 215 -5.74 24.62 -12.84
C THR B 215 -5.57 23.10 -12.67
N ILE B 216 -5.58 22.60 -11.43
CA ILE B 216 -5.62 21.17 -11.21
C ILE B 216 -7.06 20.72 -11.45
N LYS B 217 -7.23 19.86 -12.46
CA LYS B 217 -8.54 19.37 -12.84
C LYS B 217 -9.01 18.30 -11.85
N VAL B 218 -10.24 18.47 -11.37
CA VAL B 218 -10.85 17.53 -10.44
C VAL B 218 -11.99 16.80 -11.18
N ILE B 219 -11.85 15.49 -11.31
CA ILE B 219 -12.76 14.70 -12.13
C ILE B 219 -13.42 13.63 -11.26
N GLY B 220 -14.74 13.53 -11.37
CA GLY B 220 -15.55 12.59 -10.59
C GLY B 220 -15.79 11.27 -11.30
N VAL B 221 -16.15 10.25 -10.52
CA VAL B 221 -16.46 8.93 -11.07
C VAL B 221 -17.63 8.27 -10.33
N GLN B 222 -18.53 7.67 -11.09
CA GLN B 222 -19.65 6.92 -10.56
C GLN B 222 -19.93 5.72 -11.44
N ALA B 223 -20.71 4.79 -10.92
CA ALA B 223 -21.12 3.62 -11.70
C ALA B 223 -22.23 4.00 -12.69
N GLU B 224 -22.22 3.36 -13.86
CA GLU B 224 -23.35 3.40 -14.79
C GLU B 224 -24.66 2.94 -14.15
N ASN B 225 -24.59 1.98 -13.22
CA ASN B 225 -25.81 1.43 -12.62
C ASN B 225 -26.57 2.43 -11.76
N VAL B 226 -25.84 3.33 -11.10
CA VAL B 226 -26.47 4.28 -10.15
C VAL B 226 -25.58 5.53 -9.99
N HIS B 227 -26.10 6.68 -10.39
CA HIS B 227 -25.29 7.89 -10.40
C HIS B 227 -26.12 9.16 -10.26
N GLY B 228 -26.73 9.33 -9.08
CA GLY B 228 -27.48 10.53 -8.76
C GLY B 228 -26.74 11.83 -9.01
N MET B 229 -25.54 11.94 -8.44
CA MET B 229 -24.75 13.16 -8.59
C MET B 229 -24.41 13.45 -10.05
N ALA B 230 -23.97 12.43 -10.78
CA ALA B 230 -23.69 12.57 -12.20
C ALA B 230 -24.90 13.10 -12.97
N ALA B 231 -26.07 12.53 -12.67
CA ALA B 231 -27.32 12.91 -13.33
C ALA B 231 -27.67 14.37 -13.01
N SER B 232 -27.48 14.75 -11.75
CA SER B 232 -27.67 16.14 -11.32
C SER B 232 -26.67 17.08 -12.02
N TYR B 233 -25.42 16.66 -12.11
CA TYR B 233 -24.34 17.40 -12.77
C TYR B 233 -24.65 17.66 -14.26
N TYR B 234 -25.15 16.65 -14.96
CA TYR B 234 -25.56 16.82 -16.35
C TYR B 234 -26.88 17.60 -16.49
N THR B 235 -27.82 17.38 -15.56
CA THR B 235 -29.16 18.01 -15.61
C THR B 235 -29.11 19.51 -15.32
N GLY B 236 -28.36 19.88 -14.28
CA GLY B 236 -28.30 21.27 -13.82
C GLY B 236 -29.16 21.55 -12.60
N GLU B 237 -29.88 20.53 -12.11
CA GLU B 237 -30.53 20.59 -10.79
C GLU B 237 -30.48 19.20 -10.15
N ILE B 238 -30.92 19.11 -8.90
CA ILE B 238 -30.86 17.84 -8.18
C ILE B 238 -31.89 16.87 -8.74
N THR B 239 -31.43 15.66 -9.04
CA THR B 239 -32.31 14.60 -9.56
C THR B 239 -31.76 13.21 -9.17
N THR B 240 -32.68 12.24 -9.15
CA THR B 240 -32.37 10.86 -8.83
C THR B 240 -31.91 10.08 -10.07
N HIS B 241 -30.99 9.13 -9.86
CA HIS B 241 -30.72 8.09 -10.84
C HIS B 241 -30.34 6.80 -10.12
N ARG B 242 -31.06 5.73 -10.42
CA ARG B 242 -30.71 4.40 -9.97
C ARG B 242 -31.49 3.36 -10.75
N THR B 243 -30.79 2.37 -11.29
CA THR B 243 -31.44 1.24 -11.94
C THR B 243 -31.26 -0.01 -11.10
N THR B 244 -30.03 -0.26 -10.67
CA THR B 244 -29.72 -1.43 -9.87
C THR B 244 -28.43 -1.16 -9.10
N GLY B 245 -28.01 -2.12 -8.28
CA GLY B 245 -26.83 -1.98 -7.44
C GLY B 245 -25.54 -1.98 -8.23
N THR B 246 -24.41 -1.93 -7.52
CA THR B 246 -23.09 -1.91 -8.16
C THR B 246 -22.01 -2.55 -7.27
N LEU B 247 -20.89 -2.96 -7.89
CA LEU B 247 -19.73 -3.44 -7.14
C LEU B 247 -19.16 -2.33 -6.27
N ALA B 248 -19.29 -1.09 -6.73
CA ALA B 248 -18.91 0.08 -5.94
C ALA B 248 -20.05 0.46 -4.97
N ASP B 249 -20.33 -0.44 -4.02
CA ASP B 249 -21.47 -0.32 -3.13
C ASP B 249 -21.43 0.90 -2.22
N GLY B 250 -20.23 1.35 -1.88
CA GLY B 250 -20.05 2.59 -1.14
C GLY B 250 -20.60 3.81 -1.85
N CYS B 251 -20.76 3.72 -3.17
CA CYS B 251 -21.27 4.83 -3.99
C CYS B 251 -22.64 4.53 -4.62
N ASP B 252 -23.37 3.59 -4.02
CA ASP B 252 -24.72 3.27 -4.40
C ASP B 252 -25.62 4.31 -3.73
N VAL B 253 -25.70 5.48 -4.37
CA VAL B 253 -26.47 6.61 -3.83
C VAL B 253 -27.26 7.22 -4.97
N SER B 254 -28.59 7.07 -4.91
CA SER B 254 -29.47 7.42 -5.99
C SER B 254 -29.64 8.93 -6.15
N ARG B 255 -29.58 9.66 -5.04
CA ARG B 255 -29.79 11.09 -5.05
C ARG B 255 -28.67 11.80 -4.26
N PRO B 256 -28.03 12.83 -4.87
CA PRO B 256 -26.89 13.50 -4.26
C PRO B 256 -27.30 14.58 -3.28
N GLY B 257 -26.39 14.91 -2.37
CA GLY B 257 -26.66 15.93 -1.35
C GLY B 257 -26.85 17.34 -1.91
N ASN B 258 -27.55 18.16 -1.12
CA ASN B 258 -27.84 19.56 -1.48
C ASN B 258 -26.59 20.44 -1.50
N LEU B 259 -25.85 20.42 -0.39
CA LEU B 259 -24.62 21.19 -0.28
C LEU B 259 -23.60 20.65 -1.28
N THR B 260 -23.52 19.32 -1.37
CA THR B 260 -22.52 18.68 -2.22
C THR B 260 -22.74 18.98 -3.70
N TYR B 261 -23.99 18.93 -4.16
CA TYR B 261 -24.28 19.19 -5.58
C TYR B 261 -23.93 20.65 -5.93
N GLU B 262 -24.31 21.56 -5.05
CA GLU B 262 -23.96 22.98 -5.17
C GLU B 262 -22.47 23.21 -5.47
N ILE B 263 -21.61 22.50 -4.73
CA ILE B 263 -20.16 22.59 -4.88
C ILE B 263 -19.66 21.88 -6.15
N VAL B 264 -20.21 20.70 -6.42
CA VAL B 264 -19.77 19.88 -7.55
C VAL B 264 -20.07 20.56 -8.88
N ARG B 265 -21.27 21.12 -9.01
CA ARG B 265 -21.66 21.82 -10.24
C ARG B 265 -20.75 23.01 -10.54
N GLU B 266 -20.26 23.66 -9.49
CA GLU B 266 -19.39 24.83 -9.63
C GLU B 266 -17.92 24.46 -9.87
N LEU B 267 -17.42 23.43 -9.19
CA LEU B 267 -15.98 23.18 -9.11
C LEU B 267 -15.47 21.95 -9.89
N VAL B 268 -16.32 20.95 -10.09
CA VAL B 268 -15.89 19.69 -10.71
C VAL B 268 -15.84 19.84 -12.22
N ASP B 269 -14.69 19.52 -12.80
CA ASP B 269 -14.46 19.71 -14.24
C ASP B 269 -15.21 18.69 -15.09
N ASP B 270 -15.41 17.49 -14.54
CA ASP B 270 -16.17 16.47 -15.22
C ASP B 270 -16.53 15.33 -14.27
N ILE B 271 -17.59 14.60 -14.60
CA ILE B 271 -17.90 13.34 -13.93
C ILE B 271 -18.09 12.31 -15.02
N VAL B 272 -17.35 11.22 -14.91
CA VAL B 272 -17.42 10.12 -15.85
C VAL B 272 -18.09 8.91 -15.17
N LEU B 273 -18.57 7.99 -16.00
CA LEU B 273 -19.25 6.80 -15.54
C LEU B 273 -18.46 5.59 -16.02
N VAL B 274 -18.33 4.61 -15.13
CA VAL B 274 -17.59 3.39 -15.42
C VAL B 274 -18.53 2.21 -15.26
N SER B 275 -18.32 1.17 -16.04
CA SER B 275 -19.14 -0.02 -15.96
C SER B 275 -18.70 -0.93 -14.81
N GLU B 276 -19.48 -1.97 -14.57
CA GLU B 276 -19.18 -2.95 -13.54
C GLU B 276 -17.94 -3.75 -13.89
N ASP B 277 -17.82 -4.13 -15.16
CA ASP B 277 -16.64 -4.85 -15.62
C ASP B 277 -15.39 -4.01 -15.43
N GLU B 278 -15.50 -2.70 -15.67
CA GLU B 278 -14.38 -1.76 -15.49
C GLU B 278 -14.02 -1.53 -14.03
N ILE B 279 -15.02 -1.59 -13.15
CA ILE B 279 -14.76 -1.56 -11.70
C ILE B 279 -14.00 -2.83 -11.30
N ARG B 280 -14.45 -3.98 -11.78
CA ARG B 280 -13.79 -5.27 -11.53
C ARG B 280 -12.34 -5.27 -12.03
N ASN B 281 -12.13 -4.84 -13.27
CA ASN B 281 -10.79 -4.80 -13.84
C ASN B 281 -9.87 -3.92 -13.00
N SER B 282 -10.40 -2.80 -12.52
CA SER B 282 -9.65 -1.91 -11.63
C SER B 282 -9.31 -2.51 -10.27
N MET B 283 -10.21 -3.34 -9.73
CA MET B 283 -9.96 -4.02 -8.47
C MET B 283 -8.84 -5.02 -8.66
N ILE B 284 -8.94 -5.78 -9.75
CA ILE B 284 -7.94 -6.78 -10.12
C ILE B 284 -6.54 -6.14 -10.21
N ALA B 285 -6.44 -5.02 -10.93
CA ALA B 285 -5.16 -4.38 -11.14
C ALA B 285 -4.58 -3.90 -9.82
N LEU B 286 -5.43 -3.29 -8.99
CA LEU B 286 -5.01 -2.73 -7.71
C LEU B 286 -4.45 -3.80 -6.75
N ILE B 287 -5.19 -4.89 -6.56
CA ILE B 287 -4.74 -5.96 -5.65
C ILE B 287 -3.60 -6.79 -6.27
N GLN B 288 -3.70 -7.05 -7.57
CA GLN B 288 -2.77 -7.95 -8.24
C GLN B 288 -1.49 -7.23 -8.60
N ARG B 289 -1.62 -6.06 -9.23
CA ARG B 289 -0.46 -5.34 -9.76
C ARG B 289 0.03 -4.23 -8.85
N ASN B 290 -0.73 -3.89 -7.82
CA ASN B 290 -0.28 -2.90 -6.85
C ASN B 290 -0.32 -3.34 -5.39
N LYS B 291 -0.85 -4.54 -5.14
CA LYS B 291 -0.81 -5.14 -3.80
C LYS B 291 -1.58 -4.35 -2.75
N VAL B 292 -2.61 -3.62 -3.15
CA VAL B 292 -3.43 -2.92 -2.17
C VAL B 292 -4.86 -3.45 -2.20
N ILE B 293 -5.40 -3.71 -1.02
CA ILE B 293 -6.77 -4.21 -0.89
C ILE B 293 -7.75 -3.04 -1.05
N THR B 294 -8.55 -3.12 -2.11
CA THR B 294 -9.59 -2.12 -2.38
C THR B 294 -10.98 -2.75 -2.39
N GLU B 295 -11.97 -2.02 -1.88
CA GLU B 295 -13.37 -2.36 -2.09
C GLU B 295 -13.80 -1.70 -3.40
N GLY B 296 -14.99 -2.04 -3.90
CA GLY B 296 -15.46 -1.52 -5.19
C GLY B 296 -15.43 0.00 -5.36
N ALA B 297 -15.93 0.71 -4.36
CA ALA B 297 -15.94 2.18 -4.38
C ALA B 297 -14.53 2.77 -4.39
N GLY B 298 -13.60 2.08 -3.73
CA GLY B 298 -12.20 2.47 -3.71
C GLY B 298 -11.49 2.27 -5.04
N ALA B 299 -12.07 1.46 -5.92
CA ALA B 299 -11.52 1.19 -7.24
C ALA B 299 -12.15 2.01 -8.38
N LEU B 300 -13.13 2.86 -8.07
CA LEU B 300 -13.85 3.65 -9.09
C LEU B 300 -12.94 4.56 -9.90
N ALA B 301 -12.13 5.37 -9.21
CA ALA B 301 -11.22 6.32 -9.88
C ALA B 301 -10.22 5.62 -10.83
N CYS B 302 -9.60 4.55 -10.35
CA CYS B 302 -8.71 3.73 -11.18
C CYS B 302 -9.43 3.05 -12.34
N ALA B 303 -10.72 2.75 -12.15
CA ALA B 303 -11.54 2.18 -13.22
C ALA B 303 -11.62 3.15 -14.40
N ALA B 304 -11.74 4.43 -14.08
CA ALA B 304 -11.85 5.48 -15.07
C ALA B 304 -10.55 5.68 -15.87
N LEU B 305 -9.42 5.38 -15.25
CA LEU B 305 -8.13 5.48 -15.92
C LEU B 305 -7.98 4.39 -16.97
N LEU B 306 -8.37 3.17 -16.61
CA LEU B 306 -8.25 2.01 -17.49
C LEU B 306 -9.33 1.96 -18.58
N SER B 307 -10.45 2.64 -18.34
CA SER B 307 -11.57 2.68 -19.28
C SER B 307 -11.19 3.34 -20.61
N GLY B 308 -10.25 4.28 -20.57
CA GLY B 308 -9.83 5.03 -21.74
C GLY B 308 -10.54 6.37 -21.88
N LYS B 309 -11.49 6.63 -20.98
CA LYS B 309 -12.29 7.87 -20.98
C LYS B 309 -11.53 9.09 -20.47
N LEU B 310 -10.33 8.91 -19.90
CA LEU B 310 -9.53 10.06 -19.42
C LEU B 310 -8.19 10.22 -20.14
N ASP B 311 -7.95 9.38 -21.16
CA ASP B 311 -6.66 9.31 -21.83
C ASP B 311 -6.09 10.67 -22.20
N SER B 312 -6.93 11.58 -22.68
CA SER B 312 -6.46 12.91 -23.11
C SER B 312 -6.09 13.80 -21.92
N HIS B 313 -6.74 13.57 -20.78
CA HIS B 313 -6.37 14.24 -19.53
C HIS B 313 -5.07 13.68 -18.94
N ILE B 314 -4.86 12.37 -19.05
CA ILE B 314 -3.83 11.68 -18.24
C ILE B 314 -2.49 11.44 -18.94
N GLN B 315 -2.50 11.33 -20.27
CA GLN B 315 -1.29 10.94 -21.00
C GLN B 315 -0.18 11.97 -20.85
N ASN B 316 0.98 11.50 -20.39
CA ASN B 316 2.18 12.34 -20.22
C ASN B 316 1.95 13.50 -19.25
N ARG B 317 1.18 13.21 -18.21
CA ARG B 317 0.77 14.15 -17.18
C ARG B 317 0.85 13.45 -15.82
N LYS B 318 0.65 14.20 -14.74
CA LYS B 318 0.59 13.64 -13.38
C LYS B 318 -0.86 13.55 -12.88
N THR B 319 -1.31 12.33 -12.59
CA THR B 319 -2.69 12.09 -12.19
C THR B 319 -2.75 11.32 -10.86
N VAL B 320 -3.54 11.85 -9.92
CA VAL B 320 -3.77 11.22 -8.62
C VAL B 320 -5.14 10.51 -8.62
N SER B 321 -5.14 9.23 -8.24
CA SER B 321 -6.35 8.43 -8.15
C SER B 321 -6.62 8.07 -6.70
N ILE B 322 -7.79 8.46 -6.19
CA ILE B 322 -8.13 8.21 -4.78
C ILE B 322 -8.60 6.78 -4.56
N ILE B 323 -7.97 6.08 -3.61
CA ILE B 323 -8.43 4.78 -3.12
C ILE B 323 -9.24 5.04 -1.84
N SER B 324 -10.53 5.28 -2.00
CA SER B 324 -11.39 5.71 -0.89
C SER B 324 -11.66 4.69 0.24
N GLY B 325 -11.51 3.40 -0.05
CA GLY B 325 -11.79 2.38 0.96
C GLY B 325 -11.32 0.97 0.62
N GLY B 326 -11.10 0.17 1.66
CA GLY B 326 -10.72 -1.23 1.50
C GLY B 326 -11.50 -2.18 2.40
N ASN B 327 -12.74 -1.82 2.74
CA ASN B 327 -13.55 -2.67 3.62
C ASN B 327 -14.35 -3.70 2.83
N ILE B 328 -13.68 -4.80 2.52
CA ILE B 328 -14.26 -5.86 1.70
C ILE B 328 -13.65 -7.16 2.20
N ASP B 329 -14.48 -8.19 2.30
CA ASP B 329 -14.00 -9.50 2.72
C ASP B 329 -13.11 -10.06 1.64
N LEU B 330 -12.04 -10.72 2.06
CA LEU B 330 -11.08 -11.31 1.14
C LEU B 330 -11.73 -12.33 0.18
N SER B 331 -12.75 -13.04 0.67
CA SER B 331 -13.49 -13.99 -0.15
C SER B 331 -14.25 -13.27 -1.27
N ARG B 332 -14.75 -12.07 -0.98
CA ARG B 332 -15.44 -11.27 -1.97
C ARG B 332 -14.45 -10.70 -2.99
N VAL B 333 -13.26 -10.31 -2.52
CA VAL B 333 -12.17 -9.93 -3.41
C VAL B 333 -11.82 -11.09 -4.36
N SER B 334 -11.74 -12.31 -3.81
CA SER B 334 -11.40 -13.50 -4.60
C SER B 334 -12.47 -13.84 -5.62
N GLN B 335 -13.72 -13.65 -5.24
CA GLN B 335 -14.86 -13.83 -6.12
C GLN B 335 -14.79 -12.89 -7.33
N ILE B 336 -14.55 -11.61 -7.03
CA ILE B 336 -14.50 -10.56 -8.04
C ILE B 336 -13.20 -10.62 -8.83
N THR B 337 -12.07 -10.75 -8.14
CA THR B 337 -10.75 -10.82 -8.77
C THR B 337 -10.30 -12.25 -9.10
N GLY B 338 -11.24 -13.17 -9.23
CA GLY B 338 -10.93 -14.59 -9.46
C GLY B 338 -10.80 -14.94 -10.92
NA NA C . 25.20 -5.97 17.40
#